data_5OQP
#
_entry.id   5OQP
#
_cell.length_a   80.140
_cell.length_b   114.833
_cell.length_c   155.211
_cell.angle_alpha   90.00
_cell.angle_beta   90.00
_cell.angle_gamma   90.00
#
_symmetry.space_group_name_H-M   'P 21 21 21'
#
loop_
_entity.id
_entity.type
_entity.pdbx_description
1 polymer 'Condensin complex subunit 3'
2 polymer 'Condensin complex subunit 2'
3 polymer "DNA (5'-D(*GP*AP*TP*GP*TP*GP*TP*AP*GP*CP*TP*AP*CP*AP*CP*AP*TP*C)-3')"
4 non-polymer 'PENTAETHYLENE GLYCOL'
5 non-polymer 'SULFATE ION'
#
loop_
_entity_poly.entity_id
_entity_poly.type
_entity_poly.pdbx_seq_one_letter_code
_entity_poly.pdbx_strand_id
1 'polypeptide(L)'
;MGIDINTKIFNSVAEVFQKAQGSYAGHRKHIAVLKKIQSKAVEQGYEDAFNFWFDKLVTKILPLKKNEIIDRIVKLVAAF
IASLERELILAKKQNYKLTNDEEGIFSRFVDQFIRHVLRGVESPDKNVRFRVLQLLAVIMDNIGEIDESLFNLLILSLNK
RIYDREPTVRIQAVFCLTKFQDEEQTEHLTELSDNEENFEATRTLVASIQNDPSAEVRRAAMLNLINDNNTRPYILERAR
DVNIVNRRLVYSRILKSMGRKCFDDIEPHIFDQLIEWGLEDRELSVRNACKRLIAHDWLNALDGDLIELLEKLDVSRSSV
CVKAIEALFQSRPDILSKIKFPSIWKDFTVEIAFLFRAIYLYCLDNNITEMLEENFPEASKLSEHLNHYILLRYHHNDIS
NDSQSHFDYNTLEFIIEQLSIAAERYDYSDEVGRRSMLTVVRNMLALTTLSEPLIKIGIRVMKSLSINEKDFVTMAIEII
NDIRDDDIEKQESESDIINNLPPEKEASSATIVLCLTRSSYMLELVNTPLTENILIASLMDTLITPAVRNTAPNIRELGV
KNLGLCCLLDVKLAIDNMYILGMCVSKGNASLKYIALQVIVDIFSVHGNTVVDGEGKVDSISLHKIFYKVLKNNGLPECQ
VIAAEGLCKLFLADVFTDDDLFETLVLSYFSPINSSNEALVQAFAFCIPVYCFSHPAHQQRMSRTAADILLRLCVLWDDL
QSSVIPEVDREAMLKPNIIFQQLLFWTDPRNLVNQTGSTKKDTVQLTFLIDVLKIYAQIEKKEIKKMIITNINAIFLSSE
QDYSTLKELLEYSDDIAENDNLDNVSKNALDKLRNNLNSLIEEINERSETQTKDENNTANDQYSSILGN
;
A
2 'polypeptide(L)'
;GPLGHMSIFEKDLMAYFDENLNRNWRGREHWKVRNFKKANLVNKESDLLEETRTTIGDTTDKNTTDDKSMDTKKKHKQKK
VLEIDFFKTDDSFEDKVFASKGRTKIDMPIKNRKNDTHYLLPDDFHFSTDRITRLFIKPGQKMSLFSHRKHT
;
B
3 'polydeoxyribonucleotide' (DG)(DA)(DT)(DG)(DT)(DG)(DT)(DA)(DG)(DC)(DT)(DA)(DC)(DA)(DC)(DA)(DT)(DC) C,D
#
loop_
_chem_comp.id
_chem_comp.type
_chem_comp.name
_chem_comp.formula
1PE non-polymer 'PENTAETHYLENE GLYCOL' 'C10 H22 O6'
DA DNA linking 2'-DEOXYADENOSINE-5'-MONOPHOSPHATE 'C10 H14 N5 O6 P'
DC DNA linking 2'-DEOXYCYTIDINE-5'-MONOPHOSPHATE 'C9 H14 N3 O7 P'
DG DNA linking 2'-DEOXYGUANOSINE-5'-MONOPHOSPHATE 'C10 H14 N5 O7 P'
DT DNA linking THYMIDINE-5'-MONOPHOSPHATE 'C10 H15 N2 O8 P'
SO4 non-polymer 'SULFATE ION' 'O4 S -2'
#
# COMPACT_ATOMS: atom_id res chain seq x y z
N ASP A 4 55.58 -15.34 -36.57
CA ASP A 4 54.92 -15.15 -37.86
C ASP A 4 53.44 -15.51 -37.76
N ILE A 5 53.14 -16.80 -37.69
CA ILE A 5 51.76 -17.25 -37.60
C ILE A 5 51.06 -16.58 -36.42
N ASN A 6 51.72 -16.57 -35.27
CA ASN A 6 51.13 -15.98 -34.08
C ASN A 6 50.71 -14.53 -34.33
N THR A 7 51.61 -13.73 -34.89
CA THR A 7 51.27 -12.34 -35.21
C THR A 7 50.11 -12.26 -36.19
N LYS A 8 50.07 -13.17 -37.17
CA LYS A 8 48.99 -13.14 -38.15
C LYS A 8 47.64 -13.41 -37.50
N ILE A 9 47.61 -14.28 -36.48
CA ILE A 9 46.35 -14.55 -35.78
C ILE A 9 45.87 -13.29 -35.07
N PHE A 10 46.77 -12.63 -34.33
CA PHE A 10 46.40 -11.42 -33.63
C PHE A 10 45.77 -10.40 -34.57
N ASN A 11 46.45 -10.10 -35.68
CA ASN A 11 45.91 -9.13 -36.62
C ASN A 11 44.57 -9.57 -37.18
N SER A 12 44.44 -10.86 -37.51
CA SER A 12 43.18 -11.36 -38.03
C SER A 12 42.06 -11.16 -37.02
N VAL A 13 42.32 -11.48 -35.75
CA VAL A 13 41.29 -11.35 -34.72
C VAL A 13 41.13 -9.89 -34.31
N ALA A 14 42.24 -9.16 -34.21
CA ALA A 14 42.17 -7.76 -33.80
C ALA A 14 41.35 -6.93 -34.77
N GLU A 15 41.43 -7.25 -36.07
CA GLU A 15 40.70 -6.47 -37.06
C GLU A 15 39.20 -6.67 -36.94
N VAL A 16 38.77 -7.88 -36.58
CA VAL A 16 37.34 -8.13 -36.37
C VAL A 16 36.81 -7.24 -35.25
N PHE A 17 37.52 -7.20 -34.13
CA PHE A 17 37.11 -6.36 -33.01
C PHE A 17 37.14 -4.89 -33.38
N GLN A 18 38.17 -4.46 -34.10
CA GLN A 18 38.36 -3.03 -34.35
C GLN A 18 37.18 -2.42 -35.08
N LYS A 19 36.54 -3.17 -35.96
CA LYS A 19 35.38 -2.68 -36.70
C LYS A 19 34.06 -3.13 -36.10
N ALA A 20 34.06 -4.13 -35.21
CA ALA A 20 32.82 -4.61 -34.62
C ALA A 20 32.31 -3.68 -33.52
N GLN A 21 33.21 -2.96 -32.84
CA GLN A 21 32.80 -2.05 -31.78
C GLN A 21 31.96 -0.89 -32.28
N GLY A 22 32.08 -0.53 -33.56
CA GLY A 22 31.42 0.65 -34.08
C GLY A 22 29.98 0.46 -34.46
N SER A 23 29.62 -0.70 -35.01
CA SER A 23 28.29 -0.92 -35.52
C SER A 23 27.94 -2.40 -35.48
N TYR A 24 26.64 -2.67 -35.24
CA TYR A 24 26.12 -4.03 -35.33
C TYR A 24 25.93 -4.50 -36.76
N ALA A 25 26.29 -3.68 -37.75
CA ALA A 25 25.92 -3.97 -39.14
C ALA A 25 26.48 -5.32 -39.59
N GLY A 26 27.79 -5.47 -39.57
CA GLY A 26 28.43 -6.67 -40.11
C GLY A 26 28.90 -7.64 -39.05
N HIS A 27 28.05 -7.91 -38.05
CA HIS A 27 28.44 -8.85 -37.00
C HIS A 27 28.34 -10.28 -37.48
N ARG A 28 27.23 -10.64 -38.14
CA ARG A 28 27.07 -12.00 -38.63
C ARG A 28 28.23 -12.40 -39.54
N LYS A 29 28.82 -11.45 -40.25
CA LYS A 29 30.04 -11.73 -41.01
C LYS A 29 31.23 -11.88 -40.09
N HIS A 30 31.33 -11.04 -39.05
CA HIS A 30 32.42 -11.16 -38.10
C HIS A 30 32.43 -12.53 -37.45
N ILE A 31 31.26 -13.03 -37.05
CA ILE A 31 31.19 -14.36 -36.44
C ILE A 31 31.65 -15.42 -37.44
N ALA A 32 31.18 -15.33 -38.68
CA ALA A 32 31.60 -16.29 -39.70
C ALA A 32 33.09 -16.21 -39.96
N VAL A 33 33.71 -15.06 -39.72
CA VAL A 33 35.15 -14.91 -39.91
C VAL A 33 35.92 -15.48 -38.73
N LEU A 34 35.45 -15.22 -37.51
CA LEU A 34 36.15 -15.71 -36.33
C LEU A 34 36.26 -17.23 -36.35
N LYS A 35 35.15 -17.91 -36.65
CA LYS A 35 35.21 -19.36 -36.78
C LYS A 35 36.20 -19.76 -37.87
N LYS A 36 36.42 -18.90 -38.85
CA LYS A 36 37.38 -19.17 -39.91
C LYS A 36 38.81 -19.04 -39.38
N ILE A 37 39.10 -17.94 -38.69
CA ILE A 37 40.43 -17.75 -38.11
C ILE A 37 40.73 -18.89 -37.14
N GLN A 38 39.76 -19.28 -36.33
CA GLN A 38 39.95 -20.34 -35.36
C GLN A 38 40.30 -21.66 -36.05
N SER A 39 39.41 -22.11 -36.94
CA SER A 39 39.62 -23.40 -37.60
C SER A 39 40.97 -23.45 -38.31
N LYS A 40 41.37 -22.34 -38.92
CA LYS A 40 42.67 -22.29 -39.57
C LYS A 40 43.80 -22.31 -38.55
N ALA A 41 43.57 -21.76 -37.36
CA ALA A 41 44.62 -21.70 -36.35
C ALA A 41 44.88 -23.06 -35.71
N VAL A 42 43.85 -23.88 -35.57
CA VAL A 42 44.01 -25.15 -34.86
C VAL A 42 44.77 -26.15 -35.72
N GLU A 43 44.49 -26.19 -37.01
CA GLU A 43 45.17 -27.16 -37.88
C GLU A 43 46.65 -26.85 -38.00
N GLN A 44 47.03 -25.57 -37.95
CA GLN A 44 48.43 -25.21 -37.86
C GLN A 44 49.02 -25.53 -36.50
N GLY A 45 48.20 -25.94 -35.53
CA GLY A 45 48.66 -26.24 -34.19
C GLY A 45 48.65 -25.07 -33.23
N TYR A 46 48.16 -23.91 -33.67
CA TYR A 46 48.17 -22.69 -32.86
C TYR A 46 46.81 -22.40 -32.23
N GLU A 47 46.11 -23.44 -31.77
CA GLU A 47 44.83 -23.22 -31.11
C GLU A 47 44.96 -22.25 -29.95
N ASP A 48 45.90 -22.52 -29.04
CA ASP A 48 46.07 -21.69 -27.86
C ASP A 48 46.44 -20.26 -28.20
N ALA A 49 46.96 -20.03 -29.41
CA ALA A 49 47.25 -18.66 -29.84
C ALA A 49 45.96 -17.90 -30.11
N PHE A 50 44.98 -18.55 -30.73
CA PHE A 50 43.68 -17.92 -30.95
C PHE A 50 42.99 -17.62 -29.64
N ASN A 51 42.99 -18.58 -28.71
CA ASN A 51 42.36 -18.35 -27.41
C ASN A 51 43.09 -17.26 -26.63
N PHE A 52 44.42 -17.22 -26.72
CA PHE A 52 45.18 -16.21 -26.00
C PHE A 52 44.85 -14.81 -26.49
N TRP A 53 44.77 -14.62 -27.82
CA TRP A 53 44.50 -13.29 -28.35
C TRP A 53 43.03 -12.92 -28.22
N PHE A 54 42.13 -13.88 -28.38
CA PHE A 54 40.72 -13.61 -28.15
C PHE A 54 40.50 -13.11 -26.72
N ASP A 55 41.14 -13.76 -25.74
CA ASP A 55 41.05 -13.33 -24.36
C ASP A 55 41.59 -11.91 -24.19
N LYS A 56 42.84 -11.70 -24.61
CA LYS A 56 43.47 -10.39 -24.45
C LYS A 56 42.58 -9.26 -24.94
N LEU A 57 42.00 -9.42 -26.13
CA LEU A 57 41.24 -8.33 -26.73
C LEU A 57 39.94 -8.07 -25.99
N VAL A 58 39.34 -9.09 -25.38
CA VAL A 58 38.12 -8.87 -24.61
C VAL A 58 38.43 -8.12 -23.32
N THR A 59 39.64 -8.30 -22.78
CA THR A 59 40.04 -7.57 -21.59
C THR A 59 40.00 -6.06 -21.79
N LYS A 60 39.95 -5.61 -23.04
CA LYS A 60 39.96 -4.18 -23.32
C LYS A 60 38.64 -3.51 -22.96
N ILE A 61 37.53 -4.26 -23.01
CA ILE A 61 36.21 -3.68 -22.78
C ILE A 61 35.78 -3.71 -21.32
N LEU A 62 36.42 -4.52 -20.49
CA LEU A 62 35.98 -4.63 -19.09
C LEU A 62 35.99 -3.30 -18.35
N PRO A 63 36.98 -2.42 -18.52
CA PRO A 63 36.98 -1.17 -17.74
C PRO A 63 35.84 -0.22 -18.09
N LEU A 64 35.00 -0.53 -19.08
CA LEU A 64 34.00 0.41 -19.54
C LEU A 64 32.83 0.50 -18.59
N LYS A 65 32.26 1.69 -18.48
CA LYS A 65 31.06 1.89 -17.69
C LYS A 65 29.89 1.14 -18.29
N LYS A 66 28.85 0.95 -17.50
CA LYS A 66 27.63 0.35 -17.99
C LYS A 66 26.96 1.26 -19.02
N ASN A 67 26.14 0.66 -19.87
CA ASN A 67 25.43 1.39 -20.92
C ASN A 67 26.38 2.14 -21.85
N GLU A 68 27.64 1.73 -21.90
CA GLU A 68 28.63 2.35 -22.77
C GLU A 68 28.63 1.59 -24.10
N ILE A 69 28.43 2.32 -25.20
CA ILE A 69 28.04 1.69 -26.45
C ILE A 69 29.04 0.63 -26.91
N ILE A 70 30.28 0.67 -26.43
CA ILE A 70 31.25 -0.34 -26.81
C ILE A 70 31.01 -1.58 -25.96
N ASP A 71 29.75 -1.89 -25.72
CA ASP A 71 29.33 -3.24 -25.36
C ASP A 71 28.94 -4.06 -26.57
N ARG A 72 29.09 -3.51 -27.78
CA ARG A 72 28.91 -4.31 -28.99
C ARG A 72 29.83 -5.52 -28.97
N ILE A 73 31.02 -5.38 -28.39
CA ILE A 73 31.91 -6.53 -28.24
C ILE A 73 31.26 -7.59 -27.37
N VAL A 74 30.63 -7.17 -26.27
CA VAL A 74 29.89 -8.10 -25.42
C VAL A 74 28.88 -8.88 -26.26
N LYS A 75 28.10 -8.16 -27.07
CA LYS A 75 27.14 -8.80 -27.96
C LYS A 75 27.83 -9.63 -29.03
N LEU A 76 29.08 -9.30 -29.36
CA LEU A 76 29.83 -10.10 -30.34
C LEU A 76 30.35 -11.39 -29.73
N VAL A 77 30.86 -11.32 -28.49
CA VAL A 77 31.33 -12.53 -27.82
C VAL A 77 30.18 -13.51 -27.64
N ALA A 78 29.01 -13.02 -27.24
CA ALA A 78 27.87 -13.89 -27.03
C ALA A 78 27.44 -14.58 -28.33
N ALA A 79 27.42 -13.83 -29.43
CA ALA A 79 27.02 -14.43 -30.71
C ALA A 79 28.03 -15.45 -31.18
N PHE A 80 29.33 -15.25 -30.87
CA PHE A 80 30.34 -16.20 -31.30
C PHE A 80 30.27 -17.50 -30.52
N ILE A 81 30.05 -17.43 -29.21
CA ILE A 81 29.89 -18.64 -28.41
C ILE A 81 28.66 -19.41 -28.85
N ALA A 82 27.55 -18.70 -29.07
CA ALA A 82 26.29 -19.35 -29.42
C ALA A 82 26.42 -20.14 -30.72
N SER A 83 27.07 -19.54 -31.73
CA SER A 83 27.15 -20.21 -33.03
C SER A 83 28.00 -21.46 -32.96
N LEU A 84 29.13 -21.40 -32.25
CA LEU A 84 29.97 -22.59 -32.10
C LEU A 84 29.18 -23.74 -31.48
N GLU A 85 28.44 -23.45 -30.40
CA GLU A 85 27.65 -24.50 -29.77
C GLU A 85 26.58 -25.03 -30.74
N ARG A 86 25.97 -24.14 -31.51
CA ARG A 86 24.97 -24.57 -32.48
C ARG A 86 25.55 -25.55 -33.49
N GLU A 87 26.71 -25.22 -34.05
CA GLU A 87 27.38 -26.14 -34.97
C GLU A 87 27.67 -27.48 -34.29
N LEU A 88 28.05 -27.44 -33.01
CA LEU A 88 28.35 -28.67 -32.29
C LEU A 88 27.11 -29.54 -32.17
N ILE A 89 26.03 -28.98 -31.60
CA ILE A 89 24.79 -29.74 -31.45
C ILE A 89 24.36 -30.31 -32.80
N LEU A 90 24.34 -29.45 -33.82
CA LEU A 90 23.98 -29.89 -35.15
C LEU A 90 24.90 -31.02 -35.62
N ALA A 91 26.21 -30.78 -35.55
CA ALA A 91 27.18 -31.77 -36.02
C ALA A 91 26.94 -33.14 -35.38
N LYS A 92 26.61 -33.16 -34.08
CA LYS A 92 26.35 -34.44 -33.43
C LYS A 92 25.18 -35.16 -34.06
N LYS A 93 24.12 -34.42 -34.43
CA LYS A 93 22.97 -35.03 -35.07
C LYS A 93 23.32 -35.52 -36.47
N GLN A 94 24.00 -34.68 -37.25
CA GLN A 94 24.30 -35.04 -38.64
C GLN A 94 25.15 -36.30 -38.70
N ASN A 95 26.22 -36.35 -37.92
CA ASN A 95 27.25 -37.37 -38.07
C ASN A 95 27.20 -38.36 -36.91
N TYR A 96 27.39 -39.64 -37.23
CA TYR A 96 27.40 -40.68 -36.21
C TYR A 96 28.54 -40.48 -35.21
N LYS A 97 29.70 -40.04 -35.70
CA LYS A 97 30.88 -39.86 -34.86
C LYS A 97 31.58 -38.57 -35.25
N LEU A 98 31.86 -37.72 -34.26
CA LEU A 98 32.60 -36.49 -34.49
C LEU A 98 34.05 -36.86 -34.78
N THR A 99 34.49 -36.61 -36.02
CA THR A 99 35.79 -37.06 -36.48
C THR A 99 36.88 -35.99 -36.40
N ASN A 100 36.52 -34.73 -36.18
CA ASN A 100 37.48 -33.63 -36.28
C ASN A 100 37.65 -32.90 -34.94
N ASP A 101 37.43 -33.59 -33.82
CA ASP A 101 37.66 -33.00 -32.51
C ASP A 101 36.88 -31.70 -32.34
N GLU A 102 35.70 -31.62 -32.96
CA GLU A 102 34.91 -30.39 -32.87
C GLU A 102 34.50 -30.10 -31.44
N GLU A 103 34.17 -31.13 -30.66
CA GLU A 103 33.71 -30.91 -29.30
C GLU A 103 34.85 -30.51 -28.39
N GLY A 104 36.04 -31.09 -28.59
CA GLY A 104 37.17 -30.76 -27.74
C GLY A 104 37.54 -29.30 -27.81
N ILE A 105 37.56 -28.72 -29.01
CA ILE A 105 37.97 -27.33 -29.17
C ILE A 105 37.00 -26.41 -28.44
N PHE A 106 35.70 -26.62 -28.65
CA PHE A 106 34.70 -25.82 -27.96
C PHE A 106 34.81 -25.99 -26.45
N SER A 107 34.90 -27.24 -25.98
CA SER A 107 35.02 -27.49 -24.56
C SER A 107 36.26 -26.81 -23.97
N ARG A 108 37.35 -26.77 -24.73
CA ARG A 108 38.58 -26.18 -24.23
C ARG A 108 38.55 -24.66 -24.32
N PHE A 109 37.96 -24.12 -25.39
CA PHE A 109 37.91 -22.67 -25.55
C PHE A 109 37.04 -22.03 -24.47
N VAL A 110 35.87 -22.61 -24.21
CA VAL A 110 34.93 -21.98 -23.29
C VAL A 110 35.46 -22.04 -21.86
N ASP A 111 36.01 -23.18 -21.45
CA ASP A 111 36.58 -23.29 -20.12
C ASP A 111 37.73 -22.31 -19.95
N GLN A 112 38.60 -22.21 -20.95
CA GLN A 112 39.72 -21.27 -20.87
C GLN A 112 39.24 -19.84 -20.79
N PHE A 113 38.16 -19.50 -21.51
CA PHE A 113 37.71 -18.12 -21.58
C PHE A 113 37.05 -17.69 -20.28
N ILE A 114 36.21 -18.54 -19.71
CA ILE A 114 35.55 -18.19 -18.45
C ILE A 114 36.57 -17.92 -17.36
N ARG A 115 37.57 -18.80 -17.24
CA ARG A 115 38.59 -18.61 -16.21
C ARG A 115 39.36 -17.32 -16.41
N HIS A 116 39.49 -16.86 -17.65
CA HIS A 116 40.17 -15.60 -17.91
C HIS A 116 39.40 -14.43 -17.31
N VAL A 117 38.14 -14.28 -17.69
CA VAL A 117 37.34 -13.15 -17.23
C VAL A 117 37.15 -13.19 -15.72
N LEU A 118 37.12 -14.39 -15.13
CA LEU A 118 36.90 -14.55 -13.70
C LEU A 118 38.08 -14.00 -12.91
N ARG A 119 39.11 -13.54 -13.63
CA ARG A 119 40.23 -12.92 -12.95
C ARG A 119 39.87 -11.54 -12.42
N GLY A 120 38.83 -10.92 -12.96
CA GLY A 120 38.42 -9.60 -12.51
C GLY A 120 37.06 -9.61 -11.83
N VAL A 121 36.62 -10.78 -11.36
CA VAL A 121 35.32 -10.88 -10.71
C VAL A 121 35.32 -10.20 -9.35
N GLU A 122 36.47 -10.05 -8.72
CA GLU A 122 36.61 -9.32 -7.47
C GLU A 122 37.56 -8.14 -7.64
N SER A 123 37.51 -7.51 -8.82
CA SER A 123 38.37 -6.39 -9.09
C SER A 123 37.94 -5.16 -8.27
N PRO A 124 38.87 -4.28 -7.92
CA PRO A 124 38.48 -3.07 -7.19
C PRO A 124 37.58 -2.16 -8.00
N ASP A 125 37.67 -2.19 -9.31
CA ASP A 125 36.93 -1.27 -10.16
C ASP A 125 35.47 -1.70 -10.26
N LYS A 126 34.57 -0.77 -9.96
CA LYS A 126 33.14 -1.04 -10.10
C LYS A 126 32.81 -1.61 -11.47
N ASN A 127 33.35 -0.99 -12.52
CA ASN A 127 32.94 -1.33 -13.87
C ASN A 127 33.43 -2.71 -14.29
N VAL A 128 34.65 -3.07 -13.92
CA VAL A 128 35.17 -4.38 -14.29
C VAL A 128 34.27 -5.49 -13.77
N ARG A 129 33.97 -5.46 -12.47
CA ARG A 129 33.10 -6.47 -11.88
C ARG A 129 31.80 -6.60 -12.67
N PHE A 130 31.23 -5.48 -13.11
CA PHE A 130 29.97 -5.53 -13.84
C PHE A 130 30.10 -6.34 -15.12
N ARG A 131 30.98 -5.91 -16.03
CA ARG A 131 31.05 -6.55 -17.34
C ARG A 131 31.58 -7.97 -17.27
N VAL A 132 32.32 -8.33 -16.22
CA VAL A 132 32.72 -9.73 -16.06
C VAL A 132 31.49 -10.61 -15.85
N LEU A 133 30.55 -10.15 -15.03
CA LEU A 133 29.30 -10.88 -14.85
C LEU A 133 28.37 -10.72 -16.05
N GLN A 134 28.38 -9.57 -16.71
CA GLN A 134 27.61 -9.40 -17.92
C GLN A 134 28.03 -10.40 -18.99
N LEU A 135 29.34 -10.51 -19.23
CA LEU A 135 29.83 -11.47 -20.21
C LEU A 135 29.35 -12.87 -19.90
N LEU A 136 29.50 -13.29 -18.64
CA LEU A 136 29.08 -14.63 -18.27
C LEU A 136 27.57 -14.80 -18.46
N ALA A 137 26.79 -13.77 -18.12
CA ALA A 137 25.35 -13.88 -18.22
C ALA A 137 24.90 -14.15 -19.66
N VAL A 138 25.50 -13.46 -20.63
CA VAL A 138 25.08 -13.60 -22.01
C VAL A 138 25.61 -14.87 -22.67
N ILE A 139 26.63 -15.52 -22.09
CA ILE A 139 27.19 -16.75 -22.63
C ILE A 139 26.91 -17.95 -21.74
N MET A 140 26.20 -17.77 -20.63
CA MET A 140 26.05 -18.85 -19.67
C MET A 140 25.23 -20.00 -20.24
N ASP A 141 24.18 -19.69 -20.99
CA ASP A 141 23.27 -20.73 -21.47
C ASP A 141 23.93 -21.65 -22.48
N ASN A 142 24.93 -21.15 -23.22
CA ASN A 142 25.55 -21.88 -24.31
C ASN A 142 26.94 -22.39 -23.95
N ILE A 143 27.25 -22.56 -22.67
CA ILE A 143 28.54 -23.12 -22.27
C ILE A 143 28.61 -24.61 -22.58
N GLY A 144 27.47 -25.27 -22.74
CA GLY A 144 27.48 -26.70 -22.94
C GLY A 144 27.77 -27.40 -21.62
N GLU A 145 28.66 -28.38 -21.66
CA GLU A 145 29.01 -29.16 -20.49
C GLU A 145 30.36 -28.72 -19.94
N ILE A 146 30.43 -28.62 -18.62
CA ILE A 146 31.64 -28.17 -17.93
C ILE A 146 32.01 -29.21 -16.89
N ASP A 147 33.31 -29.35 -16.65
CA ASP A 147 33.77 -30.27 -15.61
C ASP A 147 33.43 -29.72 -14.24
N GLU A 148 33.60 -30.58 -13.22
CA GLU A 148 33.16 -30.24 -11.87
C GLU A 148 33.90 -29.00 -11.35
N SER A 149 35.21 -28.92 -11.57
CA SER A 149 36.00 -27.83 -11.00
C SER A 149 35.49 -26.48 -11.48
N LEU A 150 35.25 -26.35 -12.78
CA LEU A 150 34.76 -25.08 -13.31
C LEU A 150 33.38 -24.75 -12.79
N PHE A 151 32.54 -25.78 -12.61
CA PHE A 151 31.19 -25.56 -12.09
C PHE A 151 31.25 -24.98 -10.68
N ASN A 152 32.02 -25.61 -9.79
CA ASN A 152 32.12 -25.15 -8.41
C ASN A 152 32.77 -23.77 -8.33
N LEU A 153 33.54 -23.37 -9.33
CA LEU A 153 34.16 -22.04 -9.32
C LEU A 153 33.17 -20.96 -9.71
N LEU A 154 32.17 -21.29 -10.53
CA LEU A 154 31.18 -20.29 -10.93
C LEU A 154 30.16 -20.05 -9.82
N ILE A 155 29.66 -21.11 -9.20
CA ILE A 155 28.67 -20.94 -8.14
C ILE A 155 29.29 -20.22 -6.95
N LEU A 156 30.54 -20.55 -6.63
CA LEU A 156 31.22 -19.88 -5.52
C LEU A 156 31.41 -18.40 -5.82
N SER A 157 31.91 -18.08 -7.02
CA SER A 157 32.13 -16.69 -7.38
C SER A 157 30.83 -15.91 -7.48
N LEU A 158 29.76 -16.56 -7.94
CA LEU A 158 28.46 -15.89 -8.04
C LEU A 158 27.82 -15.72 -6.68
N ASN A 159 27.88 -16.76 -5.84
CA ASN A 159 27.30 -16.67 -4.50
C ASN A 159 27.97 -15.61 -3.65
N LYS A 160 29.20 -15.20 -4.00
CA LYS A 160 29.84 -14.11 -3.27
C LYS A 160 29.39 -12.76 -3.81
N ARG A 161 29.18 -12.66 -5.12
CA ARG A 161 28.85 -11.38 -5.74
C ARG A 161 27.38 -11.03 -5.64
N ILE A 162 26.54 -11.95 -5.18
CA ILE A 162 25.14 -11.62 -4.91
C ILE A 162 25.05 -10.60 -3.79
N TYR A 163 26.10 -10.46 -2.99
CA TYR A 163 26.16 -9.51 -1.89
C TYR A 163 27.09 -8.33 -2.22
N ASP A 164 27.16 -7.96 -3.49
CA ASP A 164 28.12 -6.94 -3.90
C ASP A 164 27.64 -5.54 -3.49
N ARG A 165 28.59 -4.61 -3.52
CA ARG A 165 28.28 -3.22 -3.19
C ARG A 165 27.31 -2.63 -4.20
N GLU A 166 27.65 -2.69 -5.48
CA GLU A 166 26.84 -2.05 -6.52
C GLU A 166 25.64 -2.92 -6.86
N PRO A 167 24.41 -2.37 -6.86
CA PRO A 167 23.27 -3.17 -7.31
C PRO A 167 23.39 -3.65 -8.74
N THR A 168 24.01 -2.85 -9.61
CA THR A 168 24.10 -3.21 -11.03
C THR A 168 24.75 -4.57 -11.22
N VAL A 169 25.86 -4.83 -10.51
CA VAL A 169 26.53 -6.12 -10.69
C VAL A 169 25.71 -7.22 -10.06
N ARG A 170 24.97 -6.93 -8.99
CA ARG A 170 24.12 -7.94 -8.38
C ARG A 170 23.01 -8.39 -9.32
N ILE A 171 22.52 -7.48 -10.17
CA ILE A 171 21.52 -7.89 -11.15
C ILE A 171 22.15 -8.85 -12.16
N GLN A 172 23.37 -8.56 -12.59
CA GLN A 172 24.09 -9.51 -13.43
C GLN A 172 24.43 -10.78 -12.66
N ALA A 173 24.45 -10.72 -11.33
CA ALA A 173 24.76 -11.90 -10.54
C ALA A 173 23.58 -12.87 -10.51
N VAL A 174 22.35 -12.35 -10.50
CA VAL A 174 21.19 -13.24 -10.55
C VAL A 174 21.02 -13.81 -11.95
N PHE A 175 21.18 -12.97 -12.98
CA PHE A 175 21.08 -13.44 -14.35
C PHE A 175 21.94 -14.67 -14.58
N CYS A 176 23.18 -14.62 -14.10
CA CYS A 176 24.06 -15.78 -14.22
C CYS A 176 23.53 -16.97 -13.43
N LEU A 177 22.80 -16.72 -12.34
CA LEU A 177 22.33 -17.81 -11.50
C LEU A 177 21.05 -18.44 -12.02
N THR A 178 20.23 -17.70 -12.78
CA THR A 178 19.00 -18.27 -13.30
C THR A 178 19.26 -19.46 -14.22
N LYS A 179 20.50 -19.64 -14.69
CA LYS A 179 20.84 -20.69 -15.62
C LYS A 179 21.20 -22.00 -14.95
N PHE A 180 21.30 -22.02 -13.61
CA PHE A 180 21.70 -23.21 -12.87
C PHE A 180 20.56 -23.82 -12.07
N GLN A 181 19.34 -23.36 -12.27
CA GLN A 181 18.22 -23.79 -11.42
C GLN A 181 17.96 -25.28 -11.56
N ASP A 182 17.35 -25.70 -12.67
CA ASP A 182 17.02 -27.10 -12.90
C ASP A 182 17.03 -27.42 -14.39
N PHE A 199 19.17 -26.34 -8.36
CA PHE A 199 19.13 -26.83 -6.99
C PHE A 199 19.51 -25.75 -5.99
N GLU A 200 20.81 -25.57 -5.77
CA GLU A 200 21.27 -24.54 -4.84
C GLU A 200 21.02 -23.15 -5.39
N ALA A 201 20.96 -23.00 -6.72
CA ALA A 201 20.76 -21.69 -7.31
C ALA A 201 19.43 -21.09 -6.91
N THR A 202 18.40 -21.91 -6.78
CA THR A 202 17.08 -21.40 -6.42
C THR A 202 17.09 -20.82 -5.01
N ARG A 203 17.72 -21.51 -4.06
CA ARG A 203 17.79 -21.00 -2.70
C ARG A 203 18.44 -19.62 -2.66
N THR A 204 19.49 -19.43 -3.46
CA THR A 204 20.14 -18.12 -3.51
C THR A 204 19.19 -17.05 -4.07
N LEU A 205 18.43 -17.41 -5.11
CA LEU A 205 17.47 -16.46 -5.67
C LEU A 205 16.34 -16.18 -4.68
N VAL A 206 15.89 -17.20 -3.95
CA VAL A 206 14.83 -16.99 -2.98
C VAL A 206 15.29 -16.09 -1.84
N ALA A 207 16.59 -16.08 -1.55
CA ALA A 207 17.09 -15.24 -0.47
C ALA A 207 17.18 -13.78 -0.90
N SER A 208 17.44 -13.52 -2.18
CA SER A 208 17.55 -12.16 -2.68
C SER A 208 16.22 -11.53 -3.04
N ILE A 209 15.23 -12.33 -3.44
CA ILE A 209 13.92 -11.80 -3.77
C ILE A 209 13.23 -11.20 -2.55
N GLN A 210 13.68 -11.57 -1.36
CA GLN A 210 13.12 -11.07 -0.10
C GLN A 210 14.02 -10.09 0.62
N ASN A 211 15.33 -10.32 0.61
CA ASN A 211 16.26 -9.59 1.46
C ASN A 211 17.15 -8.59 0.73
N ASP A 212 17.04 -8.49 -0.60
CA ASP A 212 17.92 -7.61 -1.34
C ASP A 212 17.39 -6.18 -1.30
N PRO A 213 18.16 -5.20 -0.83
CA PRO A 213 17.62 -3.84 -0.73
C PRO A 213 17.22 -3.23 -2.06
N SER A 214 17.86 -3.62 -3.16
CA SER A 214 17.59 -2.99 -4.44
C SER A 214 16.30 -3.53 -5.03
N ALA A 215 15.35 -2.64 -5.34
CA ALA A 215 14.09 -3.05 -5.93
C ALA A 215 14.27 -3.72 -7.29
N GLU A 216 15.36 -3.42 -8.00
CA GLU A 216 15.61 -4.00 -9.31
C GLU A 216 16.29 -5.37 -9.24
N VAL A 217 16.93 -5.71 -8.12
CA VAL A 217 17.42 -7.06 -7.92
C VAL A 217 16.27 -7.99 -7.54
N ARG A 218 15.42 -7.55 -6.62
CA ARG A 218 14.18 -8.25 -6.35
C ARG A 218 13.43 -8.54 -7.64
N ARG A 219 13.36 -7.54 -8.52
CA ARG A 219 12.65 -7.70 -9.78
C ARG A 219 13.32 -8.73 -10.68
N ALA A 220 14.65 -8.67 -10.79
CA ALA A 220 15.37 -9.61 -11.65
C ALA A 220 15.16 -11.04 -11.18
N ALA A 221 15.35 -11.29 -9.88
CA ALA A 221 15.10 -12.63 -9.35
C ALA A 221 13.64 -13.02 -9.52
N MET A 222 12.71 -12.07 -9.32
CA MET A 222 11.30 -12.36 -9.42
C MET A 222 10.95 -12.90 -10.80
N LEU A 223 11.32 -12.17 -11.85
CA LEU A 223 10.86 -12.49 -13.19
C LEU A 223 11.51 -13.76 -13.73
N ASN A 224 12.75 -14.04 -13.35
CA ASN A 224 13.51 -15.14 -13.93
C ASN A 224 13.56 -16.37 -13.05
N LEU A 225 12.86 -16.38 -11.91
CA LEU A 225 12.82 -17.57 -11.09
C LEU A 225 12.01 -18.66 -11.79
N ILE A 226 12.10 -19.88 -11.26
CA ILE A 226 11.60 -21.05 -12.00
C ILE A 226 10.09 -21.04 -12.08
N ASN A 227 9.41 -20.62 -11.01
CA ASN A 227 7.95 -20.60 -10.97
C ASN A 227 7.36 -22.00 -11.05
N ASP A 228 7.69 -22.85 -10.08
CA ASP A 228 7.06 -24.15 -9.92
C ASP A 228 6.14 -24.10 -8.70
N ASN A 229 5.75 -25.27 -8.19
CA ASN A 229 4.94 -25.32 -6.99
C ASN A 229 5.71 -24.95 -5.73
N ASN A 230 7.04 -24.90 -5.79
CA ASN A 230 7.86 -24.58 -4.63
C ASN A 230 8.13 -23.09 -4.50
N THR A 231 8.51 -22.43 -5.61
CA THR A 231 8.89 -21.03 -5.57
C THR A 231 7.72 -20.06 -5.70
N ARG A 232 6.58 -20.53 -6.20
CA ARG A 232 5.46 -19.63 -6.45
C ARG A 232 5.08 -18.78 -5.25
N PRO A 233 5.01 -19.32 -4.02
CA PRO A 233 4.71 -18.44 -2.87
C PRO A 233 5.65 -17.25 -2.75
N TYR A 234 6.96 -17.45 -3.01
CA TYR A 234 7.91 -16.35 -2.91
C TYR A 234 7.77 -15.38 -4.07
N ILE A 235 7.35 -15.86 -5.23
CA ILE A 235 7.18 -14.97 -6.39
C ILE A 235 5.96 -14.09 -6.20
N LEU A 236 4.83 -14.68 -5.79
CA LEU A 236 3.60 -13.91 -5.63
C LEU A 236 3.64 -13.01 -4.41
N GLU A 237 4.52 -13.29 -3.45
CA GLU A 237 4.66 -12.41 -2.29
C GLU A 237 5.00 -10.99 -2.72
N ARG A 238 5.64 -10.82 -3.88
CA ARG A 238 6.03 -9.50 -4.33
C ARG A 238 4.84 -8.61 -4.66
N ALA A 239 3.61 -9.13 -4.61
CA ALA A 239 2.44 -8.29 -4.85
C ALA A 239 2.32 -7.17 -3.84
N ARG A 240 3.06 -7.22 -2.73
CA ARG A 240 3.09 -6.16 -1.74
C ARG A 240 4.51 -5.59 -1.59
N ASP A 241 5.32 -5.70 -2.64
CA ASP A 241 6.64 -5.09 -2.62
C ASP A 241 6.49 -3.57 -2.53
N VAL A 242 7.42 -2.94 -1.82
CA VAL A 242 7.36 -1.49 -1.63
C VAL A 242 7.47 -0.77 -2.97
N ASN A 243 8.13 -1.38 -3.94
CA ASN A 243 8.30 -0.78 -5.26
C ASN A 243 7.07 -1.03 -6.12
N ILE A 244 6.76 -0.05 -6.96
CA ILE A 244 5.51 -0.08 -7.72
C ILE A 244 5.63 -1.00 -8.91
N VAL A 245 6.73 -0.91 -9.66
CA VAL A 245 6.94 -1.79 -10.80
C VAL A 245 6.83 -3.25 -10.36
N ASN A 246 7.49 -3.59 -9.25
CA ASN A 246 7.45 -4.97 -8.77
C ASN A 246 6.04 -5.41 -8.43
N ARG A 247 5.26 -4.53 -7.79
CA ARG A 247 3.87 -4.84 -7.50
C ARG A 247 3.04 -4.94 -8.78
N ARG A 248 3.46 -4.25 -9.83
CA ARG A 248 2.70 -4.26 -11.08
C ARG A 248 3.01 -5.49 -11.91
N LEU A 249 4.27 -5.92 -11.94
CA LEU A 249 4.67 -7.00 -12.83
C LEU A 249 4.07 -8.34 -12.42
N VAL A 250 3.79 -8.53 -11.13
CA VAL A 250 3.12 -9.76 -10.72
C VAL A 250 1.79 -9.92 -11.45
N TYR A 251 1.14 -8.81 -11.78
CA TYR A 251 -0.11 -8.85 -12.54
C TYR A 251 0.13 -8.76 -14.04
N SER A 252 1.10 -7.95 -14.46
CA SER A 252 1.29 -7.68 -15.88
C SER A 252 1.94 -8.86 -16.61
N ARG A 253 2.73 -9.67 -15.91
CA ARG A 253 3.55 -10.67 -16.58
C ARG A 253 3.39 -12.05 -15.95
N ILE A 254 3.57 -12.14 -14.64
CA ILE A 254 3.56 -13.43 -13.96
C ILE A 254 2.17 -14.07 -14.06
N LEU A 255 1.15 -13.39 -13.57
CA LEU A 255 -0.20 -13.95 -13.64
C LEU A 255 -0.73 -14.00 -15.06
N LYS A 256 -0.19 -13.18 -15.97
CA LYS A 256 -0.59 -13.25 -17.37
C LYS A 256 0.05 -14.45 -18.06
N SER A 257 1.36 -14.64 -17.87
CA SER A 257 2.04 -15.78 -18.48
C SER A 257 1.47 -17.11 -17.98
N MET A 258 0.96 -17.13 -16.75
CA MET A 258 0.36 -18.35 -16.23
C MET A 258 -0.97 -18.66 -16.89
N GLY A 259 -1.68 -17.64 -17.37
CA GLY A 259 -2.95 -17.84 -18.04
C GLY A 259 -4.00 -18.39 -17.10
N ARG A 260 -4.48 -19.60 -17.37
CA ARG A 260 -5.44 -20.26 -16.51
C ARG A 260 -4.76 -21.09 -15.41
N LYS A 261 -3.43 -21.13 -15.38
CA LYS A 261 -2.73 -21.84 -14.33
C LYS A 261 -3.05 -21.24 -12.96
N CYS A 262 -3.43 -19.96 -12.92
CA CYS A 262 -3.78 -19.31 -11.66
C CYS A 262 -4.94 -20.03 -10.97
N PHE A 263 -5.92 -20.46 -11.75
CA PHE A 263 -7.12 -21.06 -11.19
C PHE A 263 -6.88 -22.48 -10.70
N ASP A 264 -5.93 -23.20 -11.31
CA ASP A 264 -5.67 -24.59 -10.97
C ASP A 264 -4.50 -24.77 -10.00
N ASP A 265 -3.45 -23.95 -10.15
CA ASP A 265 -2.21 -24.16 -9.40
C ASP A 265 -2.12 -23.30 -8.14
N ILE A 266 -2.69 -22.11 -8.15
CA ILE A 266 -2.63 -21.22 -6.99
C ILE A 266 -3.75 -21.60 -6.02
N GLU A 267 -3.43 -21.57 -4.73
CA GLU A 267 -4.43 -21.89 -3.73
C GLU A 267 -5.47 -20.78 -3.66
N PRO A 268 -6.76 -21.10 -3.52
CA PRO A 268 -7.79 -20.06 -3.60
C PRO A 268 -7.59 -18.90 -2.64
N HIS A 269 -7.04 -19.13 -1.45
CA HIS A 269 -6.92 -18.03 -0.48
C HIS A 269 -5.80 -17.07 -0.87
N ILE A 270 -4.66 -17.59 -1.30
CA ILE A 270 -3.62 -16.73 -1.86
C ILE A 270 -4.13 -16.02 -3.10
N PHE A 271 -4.90 -16.73 -3.92
CA PHE A 271 -5.48 -16.13 -5.12
C PHE A 271 -6.43 -15.00 -4.75
N ASP A 272 -7.31 -15.24 -3.77
CA ASP A 272 -8.29 -14.22 -3.37
C ASP A 272 -7.60 -12.96 -2.87
N GLN A 273 -6.53 -13.12 -2.08
CA GLN A 273 -5.84 -11.96 -1.53
C GLN A 273 -5.15 -11.15 -2.62
N LEU A 274 -4.62 -11.82 -3.66
CA LEU A 274 -3.92 -11.11 -4.73
C LEU A 274 -4.84 -10.11 -5.41
N ILE A 275 -6.03 -10.55 -5.83
CA ILE A 275 -6.95 -9.64 -6.50
C ILE A 275 -7.44 -8.57 -5.53
N GLU A 276 -7.56 -8.90 -4.25
CA GLU A 276 -7.96 -7.88 -3.28
C GLU A 276 -6.92 -6.76 -3.22
N TRP A 277 -5.65 -7.12 -3.04
CA TRP A 277 -4.59 -6.12 -3.02
C TRP A 277 -4.56 -5.30 -4.30
N GLY A 278 -4.74 -5.96 -5.44
CA GLY A 278 -4.61 -5.26 -6.72
C GLY A 278 -5.70 -4.23 -6.93
N LEU A 279 -6.96 -4.63 -6.71
CA LEU A 279 -8.07 -3.72 -6.98
C LEU A 279 -8.10 -2.52 -6.04
N GLU A 280 -7.44 -2.60 -4.89
CA GLU A 280 -7.45 -1.51 -3.92
C GLU A 280 -6.06 -0.92 -3.69
N ASP A 281 -5.07 -1.32 -4.46
CA ASP A 281 -3.72 -0.78 -4.30
C ASP A 281 -3.74 0.73 -4.41
N ARG A 282 -2.79 1.38 -3.72
CA ARG A 282 -2.78 2.84 -3.66
C ARG A 282 -2.34 3.49 -4.96
N GLU A 283 -1.75 2.72 -5.89
CA GLU A 283 -1.24 3.24 -7.15
C GLU A 283 -2.16 2.83 -8.28
N LEU A 284 -2.59 3.81 -9.09
CA LEU A 284 -3.44 3.51 -10.24
C LEU A 284 -2.76 2.54 -11.18
N SER A 285 -1.45 2.69 -11.37
CA SER A 285 -0.72 1.80 -12.26
C SER A 285 -0.94 0.34 -11.89
N VAL A 286 -0.86 0.03 -10.60
CA VAL A 286 -1.07 -1.34 -10.16
C VAL A 286 -2.53 -1.74 -10.32
N ARG A 287 -3.45 -0.83 -9.97
CA ARG A 287 -4.87 -1.14 -10.11
C ARG A 287 -5.22 -1.51 -11.55
N ASN A 288 -4.82 -0.66 -12.51
CA ASN A 288 -5.13 -0.95 -13.90
C ASN A 288 -4.54 -2.28 -14.34
N ALA A 289 -3.34 -2.62 -13.82
CA ALA A 289 -2.72 -3.90 -14.16
C ALA A 289 -3.62 -5.06 -13.76
N CYS A 290 -4.16 -5.02 -12.54
CA CYS A 290 -5.03 -6.10 -12.07
C CYS A 290 -6.35 -6.10 -12.82
N LYS A 291 -6.93 -4.92 -13.05
CA LYS A 291 -8.19 -4.83 -13.78
C LYS A 291 -8.07 -5.48 -15.15
N ARG A 292 -7.09 -5.03 -15.95
CA ARG A 292 -6.90 -5.62 -17.27
C ARG A 292 -6.70 -7.12 -17.21
N LEU A 293 -6.12 -7.63 -16.12
CA LEU A 293 -5.95 -9.07 -15.99
C LEU A 293 -7.29 -9.78 -15.90
N ILE A 294 -8.29 -9.13 -15.32
CA ILE A 294 -9.61 -9.74 -15.14
C ILE A 294 -10.46 -9.47 -16.37
N ALA A 295 -10.66 -8.19 -16.70
CA ALA A 295 -11.59 -7.81 -17.75
C ALA A 295 -11.14 -8.27 -19.13
N HIS A 296 -9.85 -8.56 -19.32
CA HIS A 296 -9.32 -8.91 -20.64
C HIS A 296 -8.67 -10.29 -20.64
N ASP A 297 -7.52 -10.45 -19.99
CA ASP A 297 -6.76 -11.69 -20.13
C ASP A 297 -7.57 -12.90 -19.66
N TRP A 298 -8.02 -12.88 -18.40
CA TRP A 298 -8.73 -14.03 -17.85
C TRP A 298 -10.07 -14.26 -18.54
N LEU A 299 -10.82 -13.19 -18.79
CA LEU A 299 -12.13 -13.34 -19.41
C LEU A 299 -12.01 -13.97 -20.79
N ASN A 300 -11.08 -13.46 -21.61
CA ASN A 300 -10.84 -14.06 -22.91
C ASN A 300 -10.32 -15.48 -22.77
N ALA A 301 -9.53 -15.75 -21.73
CA ALA A 301 -9.01 -17.10 -21.52
C ALA A 301 -10.14 -18.09 -21.29
N LEU A 302 -11.20 -17.67 -20.60
CA LEU A 302 -12.37 -18.50 -20.37
C LEU A 302 -13.41 -18.37 -21.47
N ASP A 303 -13.03 -17.81 -22.62
CA ASP A 303 -13.91 -17.72 -23.79
C ASP A 303 -15.15 -16.88 -23.49
N GLY A 304 -14.97 -15.83 -22.68
CA GLY A 304 -16.01 -14.85 -22.47
C GLY A 304 -17.18 -15.29 -21.61
N ASP A 305 -17.15 -16.49 -21.06
CA ASP A 305 -18.24 -16.94 -20.20
C ASP A 305 -18.22 -16.17 -18.89
N LEU A 306 -18.98 -15.07 -18.84
CA LEU A 306 -18.95 -14.19 -17.67
C LEU A 306 -19.22 -14.94 -16.38
N ILE A 307 -20.16 -15.88 -16.41
CA ILE A 307 -20.51 -16.60 -15.19
C ILE A 307 -19.33 -17.45 -14.71
N GLU A 308 -18.62 -18.10 -15.64
CA GLU A 308 -17.51 -18.96 -15.25
C GLU A 308 -16.43 -18.15 -14.54
N LEU A 309 -16.20 -16.91 -14.98
CA LEU A 309 -15.22 -16.07 -14.30
C LEU A 309 -15.60 -15.83 -12.84
N LEU A 310 -16.88 -15.57 -12.58
CA LEU A 310 -17.32 -15.34 -11.21
C LEU A 310 -17.11 -16.56 -10.33
N GLU A 311 -17.10 -17.76 -10.93
CA GLU A 311 -16.83 -18.96 -10.14
C GLU A 311 -15.38 -19.00 -9.70
N LYS A 312 -14.47 -18.44 -10.50
CA LYS A 312 -13.07 -18.36 -10.10
C LYS A 312 -12.90 -17.34 -8.98
N LEU A 313 -13.46 -16.14 -9.17
CA LEU A 313 -13.45 -15.11 -8.14
C LEU A 313 -14.53 -15.47 -7.12
N ASP A 314 -14.13 -16.15 -6.04
CA ASP A 314 -15.08 -16.55 -5.02
C ASP A 314 -15.94 -15.38 -4.60
N VAL A 315 -17.26 -15.59 -4.56
CA VAL A 315 -18.20 -14.49 -4.36
C VAL A 315 -18.50 -14.23 -2.88
N SER A 316 -18.28 -15.23 -2.01
CA SER A 316 -18.39 -14.96 -0.58
C SER A 316 -17.54 -13.75 -0.19
N ARG A 317 -16.41 -13.56 -0.87
CA ARG A 317 -15.63 -12.33 -0.76
C ARG A 317 -16.19 -11.32 -1.76
N SER A 318 -17.39 -10.83 -1.45
CA SER A 318 -18.16 -10.05 -2.42
C SER A 318 -17.52 -8.71 -2.70
N SER A 319 -17.08 -8.00 -1.65
CA SER A 319 -16.60 -6.63 -1.80
C SER A 319 -15.59 -6.51 -2.95
N VAL A 320 -14.68 -7.48 -3.08
CA VAL A 320 -13.72 -7.44 -4.17
C VAL A 320 -14.38 -7.84 -5.49
N CYS A 321 -15.34 -8.77 -5.44
CA CYS A 321 -16.08 -9.14 -6.64
C CYS A 321 -16.86 -7.96 -7.21
N VAL A 322 -17.24 -7.01 -6.35
CA VAL A 322 -17.90 -5.81 -6.83
C VAL A 322 -16.91 -4.90 -7.54
N LYS A 323 -15.77 -4.64 -6.90
CA LYS A 323 -14.72 -3.86 -7.55
C LYS A 323 -14.29 -4.49 -8.86
N ALA A 324 -14.27 -5.83 -8.91
CA ALA A 324 -13.87 -6.52 -10.12
C ALA A 324 -14.94 -6.39 -11.21
N ILE A 325 -16.20 -6.65 -10.85
CA ILE A 325 -17.26 -6.59 -11.85
C ILE A 325 -17.50 -5.15 -12.28
N GLU A 326 -17.47 -4.21 -11.34
CA GLU A 326 -17.60 -2.80 -11.69
C GLU A 326 -16.49 -2.36 -12.63
N ALA A 327 -15.32 -2.97 -12.53
CA ALA A 327 -14.24 -2.70 -13.46
C ALA A 327 -14.45 -3.42 -14.79
N LEU A 328 -15.06 -4.60 -14.76
CA LEU A 328 -15.34 -5.33 -15.99
C LEU A 328 -16.34 -4.58 -16.86
N PHE A 329 -17.38 -4.00 -16.25
CA PHE A 329 -18.40 -3.29 -17.01
C PHE A 329 -17.81 -2.09 -17.74
N GLN A 330 -16.88 -1.38 -17.11
CA GLN A 330 -16.29 -0.21 -17.75
C GLN A 330 -15.43 -0.61 -18.93
N SER A 331 -14.73 -1.74 -18.83
CA SER A 331 -13.89 -2.22 -19.91
C SER A 331 -14.68 -2.94 -20.99
N ARG A 332 -15.94 -3.29 -20.74
CA ARG A 332 -16.74 -4.07 -21.69
C ARG A 332 -18.19 -3.63 -21.59
N PRO A 333 -18.54 -2.50 -22.22
CA PRO A 333 -19.95 -2.10 -22.24
C PRO A 333 -20.81 -2.91 -23.21
N ASP A 334 -20.22 -3.60 -24.17
CA ASP A 334 -21.00 -4.37 -25.13
C ASP A 334 -21.62 -5.61 -24.48
N ILE A 335 -20.81 -6.38 -23.75
CA ILE A 335 -21.34 -7.52 -23.00
C ILE A 335 -22.46 -7.07 -22.09
N LEU A 336 -22.39 -5.83 -21.61
CA LEU A 336 -23.35 -5.28 -20.66
C LEU A 336 -24.77 -5.44 -21.17
N SER A 337 -25.10 -4.74 -22.26
CA SER A 337 -26.47 -4.66 -22.74
C SER A 337 -27.13 -6.02 -22.93
N LYS A 338 -26.35 -7.08 -23.10
CA LYS A 338 -26.91 -8.37 -23.51
C LYS A 338 -27.71 -9.03 -22.38
N ILE A 339 -27.14 -9.06 -21.18
CA ILE A 339 -27.71 -9.87 -20.11
C ILE A 339 -29.09 -9.35 -19.74
N LYS A 340 -30.07 -10.26 -19.75
CA LYS A 340 -31.40 -10.00 -19.23
C LYS A 340 -31.76 -11.11 -18.25
N PHE A 341 -32.81 -10.87 -17.45
CA PHE A 341 -33.30 -11.84 -16.48
C PHE A 341 -34.78 -12.12 -16.78
N PRO A 342 -35.08 -12.91 -17.80
CA PRO A 342 -36.47 -13.36 -18.00
C PRO A 342 -36.99 -14.10 -16.78
N SER A 343 -38.26 -14.52 -16.83
CA SER A 343 -38.88 -15.21 -15.71
C SER A 343 -38.24 -16.57 -15.51
N ILE A 344 -37.31 -16.95 -16.39
CA ILE A 344 -36.57 -18.19 -16.22
C ILE A 344 -35.61 -17.97 -15.05
N TRP A 345 -36.16 -17.95 -13.85
CA TRP A 345 -35.37 -17.86 -12.62
C TRP A 345 -34.98 -19.23 -12.10
N LYS A 346 -35.43 -20.30 -12.75
CA LYS A 346 -35.11 -21.65 -12.31
C LYS A 346 -33.61 -21.95 -12.34
N ASP A 347 -32.82 -21.10 -12.99
CA ASP A 347 -31.39 -21.33 -13.15
C ASP A 347 -30.54 -20.54 -12.16
N PHE A 348 -31.14 -20.07 -11.07
CA PHE A 348 -30.46 -19.11 -10.20
C PHE A 348 -29.41 -19.80 -9.34
N THR A 349 -28.22 -19.21 -9.32
CA THR A 349 -27.11 -19.65 -8.47
C THR A 349 -26.50 -18.42 -7.82
N VAL A 350 -25.52 -18.64 -6.94
CA VAL A 350 -24.88 -17.52 -6.25
C VAL A 350 -24.26 -16.55 -7.25
N GLU A 351 -23.68 -17.08 -8.33
CA GLU A 351 -23.07 -16.20 -9.32
C GLU A 351 -24.10 -15.34 -10.03
N ILE A 352 -25.23 -15.95 -10.44
CA ILE A 352 -26.27 -15.17 -11.10
C ILE A 352 -26.97 -14.27 -10.10
N ALA A 353 -27.10 -14.72 -8.85
CA ALA A 353 -27.64 -13.85 -7.80
C ALA A 353 -26.75 -12.63 -7.59
N PHE A 354 -25.43 -12.84 -7.55
CA PHE A 354 -24.51 -11.72 -7.41
C PHE A 354 -24.57 -10.81 -8.63
N LEU A 355 -24.51 -11.39 -9.83
CA LEU A 355 -24.61 -10.58 -11.03
C LEU A 355 -25.83 -9.69 -10.99
N PHE A 356 -27.00 -10.28 -10.74
CA PHE A 356 -28.26 -9.54 -10.66
C PHE A 356 -28.10 -8.28 -9.81
N ARG A 357 -27.48 -8.41 -8.64
CA ARG A 357 -27.26 -7.26 -7.78
C ARG A 357 -26.29 -6.28 -8.42
N ALA A 358 -25.12 -6.77 -8.84
CA ALA A 358 -24.10 -5.89 -9.39
C ALA A 358 -24.60 -5.17 -10.63
N ILE A 359 -25.30 -5.87 -11.51
CA ILE A 359 -25.77 -5.25 -12.74
C ILE A 359 -26.80 -4.16 -12.45
N TYR A 360 -27.74 -4.45 -11.53
CA TYR A 360 -28.83 -3.51 -11.29
C TYR A 360 -28.34 -2.24 -10.62
N LEU A 361 -27.53 -2.37 -9.58
CA LEU A 361 -27.02 -1.19 -8.90
C LEU A 361 -26.01 -0.44 -9.76
N TYR A 362 -25.34 -1.14 -10.67
CA TYR A 362 -24.44 -0.45 -11.61
C TYR A 362 -25.25 0.38 -12.60
N CYS A 363 -26.42 -0.11 -13.00
CA CYS A 363 -27.27 0.66 -13.91
C CYS A 363 -27.75 1.94 -13.26
N LEU A 364 -28.27 1.84 -12.03
CA LEU A 364 -28.78 3.02 -11.34
C LEU A 364 -27.70 4.09 -11.17
N ASP A 365 -26.50 3.68 -10.76
CA ASP A 365 -25.43 4.63 -10.48
C ASP A 365 -25.02 5.42 -11.72
N ASN A 366 -25.28 4.89 -12.92
CA ASN A 366 -24.87 5.54 -14.16
C ASN A 366 -26.04 5.91 -15.05
N ASN A 367 -27.28 5.79 -14.55
CA ASN A 367 -28.48 6.18 -15.29
C ASN A 367 -28.49 5.57 -16.70
N ILE A 368 -28.61 4.25 -16.72
CA ILE A 368 -28.81 3.50 -17.96
C ILE A 368 -30.32 3.36 -18.11
N THR A 369 -30.93 4.36 -18.74
CA THR A 369 -32.39 4.40 -18.85
C THR A 369 -32.92 3.15 -19.55
N GLU A 370 -32.40 2.85 -20.74
CA GLU A 370 -32.95 1.77 -21.55
C GLU A 370 -32.93 0.44 -20.81
N MET A 371 -31.82 0.13 -20.13
CA MET A 371 -31.66 -1.18 -19.52
C MET A 371 -32.58 -1.35 -18.32
N LEU A 372 -32.64 -0.33 -17.45
CA LEU A 372 -33.49 -0.41 -16.28
C LEU A 372 -34.94 -0.75 -16.64
N GLU A 373 -35.38 -0.37 -17.84
CA GLU A 373 -36.78 -0.47 -18.19
C GLU A 373 -37.25 -1.93 -18.24
N GLU A 374 -36.64 -2.74 -19.10
CA GLU A 374 -37.15 -4.07 -19.37
C GLU A 374 -36.23 -5.21 -18.92
N ASN A 375 -34.95 -4.94 -18.67
CA ASN A 375 -34.02 -6.02 -18.35
C ASN A 375 -34.31 -6.67 -17.01
N PHE A 376 -35.11 -6.05 -16.16
CA PHE A 376 -35.31 -6.54 -14.81
C PHE A 376 -36.80 -6.76 -14.52
N PRO A 377 -37.13 -7.75 -13.68
CA PRO A 377 -38.54 -8.00 -13.36
C PRO A 377 -39.14 -6.85 -12.56
N GLU A 378 -40.46 -6.92 -12.40
CA GLU A 378 -41.17 -5.91 -11.64
C GLU A 378 -41.10 -6.20 -10.14
N ALA A 379 -41.27 -5.16 -9.34
CA ALA A 379 -41.12 -5.28 -7.89
C ALA A 379 -41.94 -6.44 -7.34
N SER A 380 -43.24 -6.46 -7.62
CA SER A 380 -44.09 -7.53 -7.12
C SER A 380 -43.55 -8.90 -7.52
N LYS A 381 -42.98 -9.00 -8.72
CA LYS A 381 -42.44 -10.27 -9.18
C LYS A 381 -41.15 -10.64 -8.46
N LEU A 382 -40.39 -9.64 -8.02
CA LEU A 382 -39.16 -9.92 -7.29
C LEU A 382 -39.47 -10.41 -5.88
N SER A 383 -40.44 -9.81 -5.20
CA SER A 383 -40.82 -10.26 -3.88
C SER A 383 -41.24 -11.73 -3.89
N GLU A 384 -41.88 -12.17 -4.97
CA GLU A 384 -42.22 -13.58 -5.10
C GLU A 384 -40.98 -14.45 -4.96
N HIS A 385 -39.95 -14.18 -5.78
CA HIS A 385 -38.74 -14.99 -5.73
C HIS A 385 -38.04 -14.84 -4.38
N LEU A 386 -37.88 -13.59 -3.91
CA LEU A 386 -37.22 -13.36 -2.63
C LEU A 386 -37.84 -14.21 -1.53
N ASN A 387 -39.18 -14.29 -1.49
CA ASN A 387 -39.85 -15.08 -0.47
C ASN A 387 -39.54 -16.56 -0.65
N HIS A 388 -39.67 -17.06 -1.88
CA HIS A 388 -39.43 -18.48 -2.16
C HIS A 388 -38.10 -18.95 -1.60
N TYR A 389 -37.10 -18.06 -1.53
CA TYR A 389 -35.81 -18.43 -0.97
C TYR A 389 -35.84 -18.40 0.56
N ILE A 390 -36.54 -17.43 1.14
CA ILE A 390 -36.68 -17.39 2.59
C ILE A 390 -37.39 -18.65 3.09
N LEU A 391 -38.52 -19.00 2.46
CA LEU A 391 -39.21 -20.24 2.81
C LEU A 391 -38.27 -21.43 2.72
N LEU A 392 -37.51 -21.50 1.63
CA LEU A 392 -36.66 -22.67 1.36
C LEU A 392 -35.53 -22.81 2.38
N ARG A 393 -35.19 -21.74 3.09
CA ARG A 393 -34.10 -21.76 4.07
C ARG A 393 -34.61 -21.83 5.50
N TYR A 394 -35.47 -20.89 5.90
CA TYR A 394 -35.82 -20.72 7.31
C TYR A 394 -37.07 -21.47 7.73
N HIS A 395 -37.95 -21.84 6.80
CA HIS A 395 -39.12 -22.65 7.10
C HIS A 395 -38.88 -24.12 6.79
N HIS A 396 -37.62 -24.55 6.79
CA HIS A 396 -37.27 -25.95 6.65
C HIS A 396 -37.84 -26.75 7.83
N ASN A 397 -38.00 -28.05 7.60
CA ASN A 397 -38.52 -29.04 8.56
C ASN A 397 -39.85 -29.59 8.03
N SER A 405 -28.87 -30.49 4.86
CA SER A 405 -27.56 -29.99 4.46
C SER A 405 -27.29 -28.62 5.06
N HIS A 406 -26.01 -28.25 5.14
CA HIS A 406 -25.59 -27.00 5.76
C HIS A 406 -25.04 -25.99 4.76
N PHE A 407 -24.11 -26.39 3.89
CA PHE A 407 -23.60 -25.42 2.92
C PHE A 407 -24.68 -24.95 1.96
N ASP A 408 -25.86 -25.59 1.98
CA ASP A 408 -27.03 -25.02 1.31
C ASP A 408 -27.59 -23.85 2.10
N TYR A 409 -27.52 -23.90 3.43
CA TYR A 409 -27.98 -22.78 4.25
C TYR A 409 -27.19 -21.51 3.93
N ASN A 410 -25.86 -21.62 3.89
CA ASN A 410 -25.04 -20.46 3.56
C ASN A 410 -25.30 -20.00 2.13
N THR A 411 -25.59 -20.92 1.22
CA THR A 411 -25.85 -20.54 -0.16
C THR A 411 -27.18 -19.79 -0.28
N LEU A 412 -28.20 -20.26 0.43
CA LEU A 412 -29.50 -19.59 0.40
C LEU A 412 -29.43 -18.23 1.07
N GLU A 413 -28.84 -18.18 2.27
CA GLU A 413 -28.67 -16.91 2.97
C GLU A 413 -28.01 -15.87 2.06
N PHE A 414 -27.07 -16.32 1.23
CA PHE A 414 -26.38 -15.39 0.35
C PHE A 414 -27.29 -14.85 -0.73
N ILE A 415 -28.10 -15.73 -1.34
CA ILE A 415 -29.01 -15.28 -2.39
C ILE A 415 -30.04 -14.30 -1.82
N ILE A 416 -30.57 -14.59 -0.63
CA ILE A 416 -31.48 -13.66 0.01
C ILE A 416 -30.82 -12.31 0.19
N GLU A 417 -29.56 -12.31 0.64
CA GLU A 417 -28.82 -11.06 0.81
C GLU A 417 -28.74 -10.30 -0.50
N GLN A 418 -28.26 -10.95 -1.56
CA GLN A 418 -28.09 -10.27 -2.85
C GLN A 418 -29.41 -9.67 -3.33
N LEU A 419 -30.46 -10.48 -3.37
CA LEU A 419 -31.75 -9.96 -3.82
C LEU A 419 -32.22 -8.82 -2.92
N SER A 420 -31.94 -8.90 -1.62
CA SER A 420 -32.38 -7.86 -0.71
C SER A 420 -31.61 -6.56 -0.89
N ILE A 421 -30.37 -6.63 -1.36
CA ILE A 421 -29.62 -5.40 -1.60
C ILE A 421 -30.18 -4.66 -2.81
N ALA A 422 -30.61 -5.41 -3.83
CA ALA A 422 -31.26 -4.79 -4.97
C ALA A 422 -32.66 -4.29 -4.62
N ALA A 423 -33.31 -4.96 -3.67
CA ALA A 423 -34.66 -4.54 -3.27
C ALA A 423 -34.62 -3.19 -2.57
N GLU A 424 -33.62 -2.95 -1.73
CA GLU A 424 -33.50 -1.68 -1.03
C GLU A 424 -33.61 -0.50 -1.97
N ARG A 425 -33.12 -0.64 -3.20
CA ARG A 425 -33.06 0.46 -4.15
C ARG A 425 -34.04 0.30 -5.31
N TYR A 426 -34.99 -0.63 -5.20
CA TYR A 426 -36.01 -0.77 -6.25
C TYR A 426 -36.95 0.43 -6.25
N ASP A 427 -37.47 0.74 -7.43
CA ASP A 427 -38.27 1.95 -7.60
C ASP A 427 -39.54 1.90 -6.76
N TYR A 428 -40.29 0.81 -6.85
CA TYR A 428 -41.54 0.64 -6.10
C TYR A 428 -42.56 1.70 -6.48
N SER A 429 -42.58 2.08 -7.76
CA SER A 429 -43.66 2.92 -8.25
C SER A 429 -44.99 2.20 -8.13
N ASP A 430 -45.01 0.91 -8.51
CA ASP A 430 -46.18 0.08 -8.30
C ASP A 430 -46.50 0.00 -6.82
N GLU A 431 -47.74 0.31 -6.45
CA GLU A 431 -48.15 0.22 -5.05
C GLU A 431 -48.26 -1.22 -4.62
N VAL A 432 -48.74 -2.11 -5.48
CA VAL A 432 -48.84 -3.52 -5.13
C VAL A 432 -47.46 -4.10 -4.88
N GLY A 433 -46.49 -3.75 -5.73
CA GLY A 433 -45.13 -4.22 -5.50
C GLY A 433 -44.57 -3.74 -4.17
N ARG A 434 -44.73 -2.45 -3.88
CA ARG A 434 -44.31 -1.93 -2.59
C ARG A 434 -44.93 -2.71 -1.45
N ARG A 435 -46.24 -2.98 -1.54
CA ARG A 435 -46.94 -3.67 -0.46
C ARG A 435 -46.63 -5.16 -0.45
N SER A 436 -46.34 -5.76 -1.61
CA SER A 436 -45.98 -7.17 -1.65
C SER A 436 -44.61 -7.39 -1.00
N MET A 437 -43.62 -6.61 -1.40
CA MET A 437 -42.29 -6.72 -0.80
C MET A 437 -42.34 -6.50 0.70
N LEU A 438 -43.19 -5.57 1.15
CA LEU A 438 -43.25 -5.25 2.56
C LEU A 438 -43.63 -6.46 3.41
N THR A 439 -44.54 -7.30 2.89
CA THR A 439 -44.94 -8.48 3.63
C THR A 439 -43.81 -9.50 3.71
N VAL A 440 -42.90 -9.50 2.74
CA VAL A 440 -41.82 -10.48 2.73
C VAL A 440 -40.75 -10.12 3.75
N VAL A 441 -40.38 -8.84 3.83
CA VAL A 441 -39.36 -8.41 4.78
C VAL A 441 -39.91 -8.40 6.20
N ARG A 442 -41.17 -7.99 6.36
CA ARG A 442 -41.79 -7.99 7.68
C ARG A 442 -41.84 -9.40 8.26
N ASN A 443 -42.14 -10.40 7.43
CA ASN A 443 -42.13 -11.78 7.91
C ASN A 443 -40.70 -12.28 8.08
N MET A 444 -39.75 -11.77 7.29
CA MET A 444 -38.37 -12.18 7.44
C MET A 444 -37.78 -11.64 8.74
N LEU A 445 -37.99 -10.36 9.01
CA LEU A 445 -37.47 -9.75 10.23
C LEU A 445 -38.10 -10.37 11.49
N ALA A 446 -39.25 -11.02 11.36
CA ALA A 446 -39.91 -11.64 12.49
C ALA A 446 -39.32 -12.99 12.87
N LEU A 447 -38.48 -13.57 12.02
CA LEU A 447 -37.87 -14.87 12.30
C LEU A 447 -36.76 -14.69 13.32
N THR A 448 -36.88 -15.37 14.47
CA THR A 448 -35.87 -15.30 15.50
C THR A 448 -34.53 -15.88 15.05
N THR A 449 -34.53 -16.65 13.96
CA THR A 449 -33.34 -17.34 13.48
C THR A 449 -32.67 -16.60 12.32
N LEU A 450 -33.05 -15.35 12.07
CA LEU A 450 -32.48 -14.60 10.96
C LEU A 450 -31.05 -14.17 11.28
N SER A 451 -30.15 -14.36 10.33
CA SER A 451 -28.75 -14.03 10.56
C SER A 451 -28.55 -12.51 10.52
N GLU A 452 -27.51 -12.06 11.22
CA GLU A 452 -27.27 -10.61 11.32
C GLU A 452 -27.11 -9.94 9.96
N PRO A 453 -26.38 -10.50 8.99
CA PRO A 453 -26.33 -9.86 7.67
C PRO A 453 -27.71 -9.60 7.08
N LEU A 454 -28.63 -10.56 7.20
CA LEU A 454 -29.97 -10.38 6.66
C LEU A 454 -30.84 -9.48 7.51
N ILE A 455 -30.55 -9.36 8.81
CA ILE A 455 -31.21 -8.35 9.62
C ILE A 455 -30.81 -6.96 9.14
N LYS A 456 -29.50 -6.76 8.92
CA LYS A 456 -29.01 -5.45 8.51
C LYS A 456 -29.68 -4.99 7.21
N ILE A 457 -29.69 -5.86 6.20
CA ILE A 457 -30.26 -5.47 4.92
C ILE A 457 -31.79 -5.49 5.00
N GLY A 458 -32.36 -6.46 5.71
CA GLY A 458 -33.81 -6.49 5.88
C GLY A 458 -34.36 -5.17 6.38
N ILE A 459 -33.71 -4.58 7.39
CA ILE A 459 -34.16 -3.30 7.92
C ILE A 459 -34.04 -2.22 6.85
N ARG A 460 -32.93 -2.21 6.10
CA ARG A 460 -32.71 -1.18 5.10
C ARG A 460 -33.84 -1.16 4.08
N VAL A 461 -34.32 -2.32 3.67
CA VAL A 461 -35.41 -2.39 2.71
C VAL A 461 -36.69 -1.83 3.32
N MET A 462 -37.03 -2.27 4.52
CA MET A 462 -38.21 -1.76 5.21
C MET A 462 -38.17 -0.23 5.30
N LYS A 463 -36.97 0.31 5.53
CA LYS A 463 -36.83 1.77 5.56
C LYS A 463 -37.15 2.38 4.21
N SER A 464 -36.71 1.75 3.12
CA SER A 464 -36.97 2.29 1.80
C SER A 464 -38.44 2.21 1.43
N LEU A 465 -39.17 1.25 1.99
CA LEU A 465 -40.55 1.02 1.58
C LEU A 465 -41.52 2.01 2.24
N SER A 466 -41.20 2.48 3.44
CA SER A 466 -42.17 3.25 4.21
C SER A 466 -42.29 4.69 3.71
N ILE A 467 -41.17 5.34 3.38
CA ILE A 467 -41.15 6.78 3.14
C ILE A 467 -42.04 7.44 4.18
N ASN A 468 -41.67 7.28 5.44
CA ASN A 468 -42.25 7.99 6.58
C ASN A 468 -41.60 7.45 7.83
N GLU A 469 -40.62 8.19 8.37
CA GLU A 469 -39.80 7.66 9.46
C GLU A 469 -40.67 7.03 10.54
N LYS A 470 -41.69 7.75 11.00
CA LYS A 470 -42.58 7.20 12.02
C LYS A 470 -43.20 5.88 11.57
N ASP A 471 -43.55 5.78 10.28
CA ASP A 471 -44.05 4.51 9.76
C ASP A 471 -43.01 3.42 9.90
N PHE A 472 -41.77 3.71 9.48
CA PHE A 472 -40.69 2.73 9.60
C PHE A 472 -40.45 2.35 11.05
N VAL A 473 -40.46 3.33 11.95
CA VAL A 473 -40.17 3.06 13.36
C VAL A 473 -41.28 2.20 13.97
N THR A 474 -42.54 2.63 13.81
CA THR A 474 -43.65 1.89 14.40
C THR A 474 -43.64 0.43 13.96
N MET A 475 -43.26 0.16 12.72
CA MET A 475 -43.26 -1.20 12.21
C MET A 475 -42.11 -2.02 12.80
N ALA A 476 -40.93 -1.42 12.91
CA ALA A 476 -39.79 -2.15 13.46
C ALA A 476 -39.98 -2.45 14.93
N ILE A 477 -40.49 -1.48 15.70
CA ILE A 477 -40.72 -1.71 17.12
C ILE A 477 -41.65 -2.89 17.33
N GLU A 478 -42.70 -2.98 16.52
CA GLU A 478 -43.62 -4.12 16.63
C GLU A 478 -42.86 -5.44 16.44
N ILE A 479 -42.01 -5.50 15.42
CA ILE A 479 -41.23 -6.71 15.17
C ILE A 479 -40.35 -7.04 16.36
N ILE A 480 -39.71 -6.02 16.93
CA ILE A 480 -38.85 -6.23 18.09
C ILE A 480 -39.66 -6.70 19.29
N ASN A 481 -40.68 -5.92 19.66
CA ASN A 481 -41.46 -6.24 20.86
C ASN A 481 -42.13 -7.60 20.74
N ASP A 482 -42.65 -7.94 19.55
CA ASP A 482 -43.23 -9.26 19.36
C ASP A 482 -42.25 -10.36 19.74
N ILE A 483 -40.99 -10.22 19.31
CA ILE A 483 -39.97 -11.21 19.68
C ILE A 483 -39.75 -11.20 21.19
N ARG A 484 -39.67 -10.00 21.78
CA ARG A 484 -39.46 -9.91 23.22
C ARG A 484 -40.61 -10.54 23.98
N ASP A 485 -41.85 -10.25 23.58
CA ASP A 485 -43.01 -10.76 24.30
C ASP A 485 -43.14 -12.27 24.17
N ASP A 486 -42.94 -12.81 22.97
CA ASP A 486 -43.08 -14.24 22.75
C ASP A 486 -42.14 -15.06 23.62
N ASP A 487 -41.02 -14.48 24.08
CA ASP A 487 -40.16 -15.18 25.01
C ASP A 487 -40.64 -15.01 26.45
N ILE A 488 -41.11 -13.82 26.80
CA ILE A 488 -41.60 -13.57 28.15
C ILE A 488 -42.92 -14.30 28.37
N GLU A 489 -43.83 -14.20 27.39
CA GLU A 489 -45.15 -14.80 27.56
C GLU A 489 -45.11 -16.31 27.49
N LYS A 490 -44.21 -16.88 26.68
CA LYS A 490 -44.10 -18.33 26.56
C LYS A 490 -43.53 -18.99 27.79
N GLN A 491 -43.10 -18.22 28.78
CA GLN A 491 -42.56 -18.78 30.02
C GLN A 491 -43.67 -19.03 31.03
N LYS A 505 -39.56 -12.74 34.21
CA LYS A 505 -40.47 -11.85 33.51
C LYS A 505 -39.71 -10.74 32.79
N GLU A 506 -38.45 -11.01 32.43
CA GLU A 506 -37.59 -10.04 31.78
C GLU A 506 -37.00 -10.52 30.46
N ALA A 507 -37.35 -11.73 30.02
CA ALA A 507 -36.91 -12.29 28.74
C ALA A 507 -35.53 -12.94 28.85
N SER A 508 -35.27 -13.91 27.98
CA SER A 508 -33.99 -14.61 27.99
C SER A 508 -32.89 -13.73 27.42
N SER A 509 -31.65 -14.00 27.83
CA SER A 509 -30.52 -13.24 27.35
C SER A 509 -30.34 -13.41 25.84
N ALA A 510 -30.54 -14.64 25.34
CA ALA A 510 -30.45 -14.88 23.91
C ALA A 510 -31.45 -14.05 23.13
N THR A 511 -32.63 -13.78 23.71
CA THR A 511 -33.63 -12.97 23.03
C THR A 511 -33.24 -11.51 23.04
N ILE A 512 -32.71 -11.01 24.16
CA ILE A 512 -32.31 -9.60 24.24
C ILE A 512 -31.31 -9.27 23.15
N VAL A 513 -30.41 -10.21 22.83
CA VAL A 513 -29.48 -9.99 21.73
C VAL A 513 -30.24 -9.80 20.42
N LEU A 514 -31.21 -10.68 20.16
CA LEU A 514 -31.99 -10.55 18.94
C LEU A 514 -32.67 -9.20 18.83
N CYS A 515 -33.07 -8.62 19.96
CA CYS A 515 -33.76 -7.33 19.94
C CYS A 515 -32.78 -6.16 19.88
N LEU A 516 -31.62 -6.28 20.52
CA LEU A 516 -30.67 -5.18 20.55
C LEU A 516 -29.95 -5.02 19.22
N THR A 517 -29.76 -6.12 18.48
CA THR A 517 -29.17 -6.03 17.16
C THR A 517 -30.17 -5.47 16.15
N ARG A 518 -31.41 -5.95 16.19
CA ARG A 518 -32.45 -5.35 15.37
C ARG A 518 -32.68 -3.90 15.76
N SER A 519 -32.56 -3.59 17.05
CA SER A 519 -32.81 -2.22 17.52
C SER A 519 -31.73 -1.28 17.02
N SER A 520 -30.46 -1.69 17.08
CA SER A 520 -29.38 -0.79 16.69
C SER A 520 -29.41 -0.50 15.19
N TYR A 521 -29.72 -1.51 14.37
CA TYR A 521 -29.83 -1.27 12.94
C TYR A 521 -31.03 -0.40 12.58
N MET A 522 -32.03 -0.34 13.45
CA MET A 522 -33.14 0.60 13.26
C MET A 522 -32.71 2.02 13.60
N LEU A 523 -32.20 2.22 14.81
CA LEU A 523 -31.79 3.55 15.24
C LEU A 523 -30.74 4.15 14.30
N GLU A 524 -29.90 3.30 13.71
CA GLU A 524 -28.87 3.79 12.79
C GLU A 524 -29.46 4.61 11.66
N LEU A 525 -30.74 4.39 11.32
CA LEU A 525 -31.39 5.10 10.23
C LEU A 525 -32.46 6.06 10.71
N VAL A 526 -32.48 6.38 12.00
CA VAL A 526 -33.47 7.30 12.57
C VAL A 526 -32.81 8.64 12.78
N ASN A 527 -33.38 9.69 12.16
CA ASN A 527 -32.80 11.02 12.22
C ASN A 527 -33.88 12.05 12.57
N THR A 528 -34.54 11.82 13.71
CA THR A 528 -35.48 12.77 14.27
C THR A 528 -35.40 12.67 15.80
N PRO A 529 -35.72 13.74 16.52
CA PRO A 529 -35.64 13.68 17.99
C PRO A 529 -36.49 12.56 18.55
N LEU A 530 -36.12 12.11 19.76
CA LEU A 530 -36.90 11.08 20.44
C LEU A 530 -38.32 11.54 20.71
N THR A 531 -38.52 12.83 20.94
CA THR A 531 -39.83 13.32 21.31
C THR A 531 -40.87 13.09 20.22
N GLU A 532 -40.46 12.96 18.97
CA GLU A 532 -41.38 12.70 17.87
C GLU A 532 -41.71 11.23 17.70
N ASN A 533 -40.92 10.33 18.28
CA ASN A 533 -41.20 8.89 18.25
C ASN A 533 -41.29 8.42 19.70
N ILE A 534 -42.52 8.28 20.18
CA ILE A 534 -42.74 7.95 21.59
C ILE A 534 -42.33 6.51 21.89
N LEU A 535 -42.36 5.63 20.88
CA LEU A 535 -42.07 4.23 21.12
C LEU A 535 -40.61 4.01 21.51
N ILE A 536 -39.70 4.78 20.92
CA ILE A 536 -38.28 4.60 21.21
C ILE A 536 -38.01 4.79 22.69
N ALA A 537 -38.60 5.83 23.29
CA ALA A 537 -38.42 6.06 24.71
C ALA A 537 -38.92 4.87 25.53
N SER A 538 -39.97 4.18 25.06
CA SER A 538 -40.43 2.98 25.73
C SER A 538 -39.55 1.78 25.39
N LEU A 539 -39.13 1.67 24.14
CA LEU A 539 -38.10 0.70 23.80
C LEU A 539 -36.84 0.90 24.63
N MET A 540 -36.53 2.17 24.96
CA MET A 540 -35.36 2.45 25.76
C MET A 540 -35.60 2.13 27.23
N ASP A 541 -36.84 2.15 27.68
CA ASP A 541 -37.16 1.88 29.08
C ASP A 541 -37.17 0.40 29.40
N THR A 542 -37.24 -0.49 28.40
CA THR A 542 -37.51 -1.89 28.66
C THR A 542 -36.38 -2.84 28.28
N LEU A 543 -35.40 -2.43 27.46
CA LEU A 543 -34.26 -3.31 27.24
C LEU A 543 -32.95 -2.60 26.88
N ILE A 544 -33.01 -1.36 26.41
CA ILE A 544 -31.76 -0.63 26.13
C ILE A 544 -31.07 -0.30 27.44
N THR A 545 -31.76 0.41 28.32
CA THR A 545 -31.16 0.82 29.59
C THR A 545 -30.92 -0.39 30.49
N PRO A 546 -31.85 -1.35 30.56
CA PRO A 546 -31.53 -2.61 31.24
C PRO A 546 -30.26 -3.28 30.69
N ALA A 547 -30.06 -3.25 29.37
CA ALA A 547 -28.92 -3.92 28.78
C ALA A 547 -27.61 -3.31 29.27
N VAL A 548 -27.57 -1.98 29.41
CA VAL A 548 -26.38 -1.32 29.91
C VAL A 548 -26.05 -1.79 31.32
N ARG A 549 -27.06 -2.24 32.06
CA ARG A 549 -26.87 -2.73 33.43
C ARG A 549 -26.62 -4.23 33.49
N ASN A 550 -26.59 -4.91 32.34
CA ASN A 550 -26.44 -6.36 32.35
C ASN A 550 -25.02 -6.75 32.76
N THR A 551 -24.84 -8.04 33.04
CA THR A 551 -23.54 -8.57 33.42
C THR A 551 -22.81 -9.23 32.26
N ALA A 552 -23.53 -9.68 31.24
CA ALA A 552 -22.89 -10.32 30.09
C ALA A 552 -22.19 -9.25 29.26
N PRO A 553 -20.87 -9.36 29.01
CA PRO A 553 -20.19 -8.27 28.28
C PRO A 553 -20.81 -7.98 26.93
N ASN A 554 -21.16 -9.00 26.15
CA ASN A 554 -21.64 -8.77 24.79
C ASN A 554 -22.98 -8.04 24.78
N ILE A 555 -23.84 -8.30 25.77
CA ILE A 555 -25.10 -7.57 25.84
C ILE A 555 -24.85 -6.12 26.25
N ARG A 556 -23.99 -5.91 27.24
CA ARG A 556 -23.72 -4.55 27.69
C ARG A 556 -23.16 -3.70 26.55
N GLU A 557 -22.23 -4.26 25.77
CA GLU A 557 -21.70 -3.53 24.62
C GLU A 557 -22.80 -3.17 23.65
N LEU A 558 -23.74 -4.09 23.40
CA LEU A 558 -24.87 -3.79 22.53
C LEU A 558 -25.77 -2.73 23.15
N GLY A 559 -25.96 -2.79 24.47
CA GLY A 559 -26.77 -1.78 25.13
C GLY A 559 -26.16 -0.39 25.06
N VAL A 560 -24.84 -0.31 25.07
CA VAL A 560 -24.18 0.99 24.94
C VAL A 560 -24.36 1.54 23.53
N LYS A 561 -24.17 0.69 22.52
CA LYS A 561 -24.29 1.15 21.14
C LYS A 561 -25.66 1.73 20.86
N ASN A 562 -26.71 1.09 21.39
CA ASN A 562 -28.05 1.64 21.23
C ASN A 562 -28.22 2.91 22.05
N LEU A 563 -27.74 2.91 23.30
CA LEU A 563 -27.78 4.11 24.10
C LEU A 563 -27.09 5.26 23.37
N GLY A 564 -25.88 5.01 22.87
CA GLY A 564 -25.20 6.04 22.10
C GLY A 564 -26.01 6.52 20.92
N LEU A 565 -26.64 5.59 20.20
CA LEU A 565 -27.46 5.96 19.05
C LEU A 565 -28.65 6.81 19.48
N CYS A 566 -29.20 6.57 20.67
CA CYS A 566 -30.30 7.39 21.16
C CYS A 566 -29.81 8.78 21.54
N CYS A 567 -28.61 8.88 22.12
CA CYS A 567 -28.08 10.18 22.51
C CYS A 567 -27.92 11.10 21.30
N LEU A 568 -27.65 10.53 20.12
CA LEU A 568 -27.53 11.34 18.92
C LEU A 568 -28.84 11.96 18.48
N LEU A 569 -29.96 11.58 19.11
CA LEU A 569 -31.27 12.10 18.78
C LEU A 569 -31.78 13.11 19.80
N ASP A 570 -31.58 12.83 21.10
CA ASP A 570 -32.03 13.71 22.17
C ASP A 570 -30.82 14.22 22.93
N VAL A 571 -30.63 15.54 22.93
CA VAL A 571 -29.45 16.13 23.56
C VAL A 571 -29.46 15.89 25.06
N LYS A 572 -30.60 16.10 25.71
CA LYS A 572 -30.66 15.92 27.16
C LYS A 572 -30.21 14.53 27.55
N LEU A 573 -30.58 13.52 26.77
CA LEU A 573 -30.18 12.15 27.06
C LEU A 573 -28.66 12.03 27.07
N ALA A 574 -28.00 12.61 26.06
CA ALA A 574 -26.55 12.59 26.00
C ALA A 574 -25.95 13.18 27.27
N ILE A 575 -26.44 14.35 27.69
CA ILE A 575 -25.89 15.03 28.85
C ILE A 575 -25.93 14.12 30.07
N ASP A 576 -27.07 13.47 30.30
CA ASP A 576 -27.24 12.68 31.51
C ASP A 576 -26.36 11.43 31.53
N ASN A 577 -25.87 10.99 30.37
CA ASN A 577 -25.06 9.79 30.28
C ASN A 577 -23.58 10.06 30.02
N MET A 578 -23.18 11.32 29.90
CA MET A 578 -21.77 11.61 29.66
C MET A 578 -20.90 11.06 30.78
N TYR A 579 -21.34 11.22 32.03
CA TYR A 579 -20.56 10.69 33.15
C TYR A 579 -20.47 9.18 33.10
N ILE A 580 -21.58 8.51 32.77
CA ILE A 580 -21.59 7.05 32.79
C ILE A 580 -20.74 6.48 31.66
N LEU A 581 -20.80 7.10 30.48
CA LEU A 581 -19.94 6.68 29.38
C LEU A 581 -18.48 6.89 29.72
N GLY A 582 -18.14 8.07 30.25
CA GLY A 582 -16.77 8.32 30.67
C GLY A 582 -16.23 7.27 31.61
N MET A 583 -17.07 6.79 32.53
CA MET A 583 -16.65 5.74 33.45
C MET A 583 -16.58 4.38 32.77
N CYS A 584 -17.45 4.13 31.79
CA CYS A 584 -17.31 2.93 30.95
C CYS A 584 -15.93 2.91 30.30
N VAL A 585 -15.49 4.06 29.77
CA VAL A 585 -14.19 4.15 29.12
C VAL A 585 -13.06 4.13 30.13
N SER A 586 -13.33 4.40 31.40
CA SER A 586 -12.26 4.41 32.40
C SER A 586 -12.01 3.02 32.97
N LYS A 587 -13.07 2.36 33.44
CA LYS A 587 -12.93 1.08 34.13
C LYS A 587 -13.24 -0.14 33.26
N GLY A 588 -13.88 0.05 32.12
CA GLY A 588 -14.36 -1.07 31.34
C GLY A 588 -13.24 -1.94 30.78
N ASN A 589 -13.63 -3.13 30.35
CA ASN A 589 -12.70 -4.03 29.68
C ASN A 589 -12.30 -3.43 28.33
N ALA A 590 -11.46 -4.16 27.59
CA ALA A 590 -10.95 -3.65 26.32
C ALA A 590 -12.09 -3.39 25.34
N SER A 591 -12.97 -4.37 25.15
CA SER A 591 -14.04 -4.23 24.17
C SER A 591 -15.00 -3.10 24.55
N LEU A 592 -15.38 -3.02 25.83
CA LEU A 592 -16.29 -1.96 26.27
C LEU A 592 -15.64 -0.59 26.08
N LYS A 593 -14.44 -0.41 26.61
CA LYS A 593 -13.64 0.79 26.41
C LYS A 593 -13.68 1.21 24.94
N TYR A 594 -13.70 0.23 24.05
CA TYR A 594 -13.65 0.51 22.61
C TYR A 594 -14.94 1.16 22.14
N ILE A 595 -16.09 0.56 22.45
CA ILE A 595 -17.37 1.07 21.94
C ILE A 595 -17.78 2.32 22.69
N ALA A 596 -17.51 2.38 24.01
CA ALA A 596 -17.95 3.51 24.80
C ALA A 596 -17.27 4.80 24.35
N LEU A 597 -16.04 4.70 23.83
CA LEU A 597 -15.31 5.91 23.44
C LEU A 597 -15.80 6.47 22.11
N GLN A 598 -16.19 5.59 21.19
CA GLN A 598 -16.74 6.06 19.92
C GLN A 598 -18.03 6.83 20.14
N VAL A 599 -18.84 6.39 21.10
CA VAL A 599 -20.07 7.11 21.43
C VAL A 599 -19.76 8.53 21.87
N ILE A 600 -18.75 8.69 22.73
CA ILE A 600 -18.39 10.02 23.22
C ILE A 600 -17.93 10.91 22.08
N VAL A 601 -17.15 10.35 21.14
CA VAL A 601 -16.71 11.14 20.00
C VAL A 601 -17.88 11.52 19.11
N ASP A 602 -18.85 10.60 18.95
CA ASP A 602 -20.00 10.87 18.09
C ASP A 602 -20.97 11.83 18.77
N ILE A 603 -21.09 11.77 20.10
CA ILE A 603 -21.92 12.75 20.81
C ILE A 603 -21.37 14.15 20.61
N PHE A 604 -20.05 14.32 20.75
CA PHE A 604 -19.44 15.61 20.51
C PHE A 604 -19.54 16.02 19.05
N SER A 605 -19.42 15.06 18.13
CA SER A 605 -19.50 15.38 16.71
C SER A 605 -20.85 15.98 16.34
N VAL A 606 -21.91 15.58 17.03
CA VAL A 606 -23.26 16.01 16.73
C VAL A 606 -23.68 17.20 17.59
N HIS A 607 -23.55 17.06 18.91
CA HIS A 607 -24.07 18.05 19.84
C HIS A 607 -23.05 19.13 20.20
N GLY A 608 -21.85 19.09 19.64
CA GLY A 608 -20.85 20.09 19.94
C GLY A 608 -20.48 20.07 21.41
N ASN A 609 -20.16 21.25 21.94
CA ASN A 609 -19.73 21.42 23.32
C ASN A 609 -20.88 21.72 24.27
N THR A 610 -22.13 21.52 23.85
CA THR A 610 -23.27 21.81 24.70
C THR A 610 -23.45 20.77 25.80
N VAL A 611 -22.79 19.62 25.71
CA VAL A 611 -22.99 18.54 26.68
C VAL A 611 -22.01 18.62 27.85
N VAL A 612 -21.17 19.65 27.91
CA VAL A 612 -20.15 19.78 28.94
C VAL A 612 -20.10 21.22 29.42
N ASP A 613 -19.38 21.43 30.52
CA ASP A 613 -19.11 22.76 31.06
C ASP A 613 -20.40 23.56 31.21
N GLY A 614 -21.27 23.06 32.07
CA GLY A 614 -22.51 23.74 32.37
C GLY A 614 -23.10 23.22 33.67
N GLU A 615 -24.35 23.60 33.90
CA GLU A 615 -25.06 23.17 35.10
C GLU A 615 -25.53 21.73 34.94
N GLY A 616 -25.18 20.89 35.91
CA GLY A 616 -25.58 19.50 35.87
C GLY A 616 -24.91 18.68 34.80
N LYS A 617 -23.87 19.19 34.16
CA LYS A 617 -23.14 18.50 33.12
C LYS A 617 -21.77 18.09 33.64
N VAL A 618 -20.99 17.43 32.79
CA VAL A 618 -19.63 17.03 33.12
C VAL A 618 -18.69 18.14 32.68
N ASP A 619 -17.54 18.23 33.34
CA ASP A 619 -16.53 19.21 32.97
C ASP A 619 -15.70 18.68 31.81
N SER A 620 -15.40 19.56 30.86
CA SER A 620 -14.65 19.15 29.67
C SER A 620 -13.30 18.56 30.07
N ILE A 621 -12.67 19.11 31.12
CA ILE A 621 -11.37 18.59 31.54
C ILE A 621 -11.49 17.14 31.97
N SER A 622 -12.63 16.77 32.58
CA SER A 622 -12.82 15.40 33.01
C SER A 622 -12.79 14.44 31.83
N LEU A 623 -13.29 14.89 30.67
CA LEU A 623 -13.25 14.05 29.47
C LEU A 623 -11.91 14.16 28.77
N HIS A 624 -11.32 15.35 28.74
CA HIS A 624 -9.98 15.50 28.17
C HIS A 624 -9.02 14.49 28.78
N LYS A 625 -9.10 14.29 30.10
CA LYS A 625 -8.21 13.35 30.75
C LYS A 625 -8.50 11.92 30.34
N ILE A 626 -9.76 11.60 30.05
CA ILE A 626 -10.09 10.24 29.59
C ILE A 626 -9.38 9.95 28.29
N PHE A 627 -9.41 10.90 27.35
CA PHE A 627 -8.71 10.71 26.09
C PHE A 627 -7.20 10.55 26.31
N TYR A 628 -6.64 11.27 27.27
CA TYR A 628 -5.23 11.11 27.61
C TYR A 628 -4.92 9.65 27.92
N LYS A 629 -5.62 9.09 28.92
CA LYS A 629 -5.32 7.73 29.36
C LYS A 629 -5.39 6.75 28.20
N VAL A 630 -6.35 6.93 27.29
CA VAL A 630 -6.51 5.99 26.18
C VAL A 630 -5.41 6.20 25.16
N LEU A 631 -5.19 7.44 24.73
CA LEU A 631 -4.10 7.74 23.80
C LEU A 631 -2.75 7.45 24.42
N LYS A 632 -2.68 7.31 25.74
CA LYS A 632 -1.47 6.95 26.46
C LYS A 632 -1.38 5.45 26.73
N ASN A 633 -2.47 4.71 26.55
CA ASN A 633 -2.54 3.30 26.92
C ASN A 633 -1.78 2.48 25.89
N ASN A 634 -0.47 2.36 26.10
CA ASN A 634 0.35 1.52 25.23
C ASN A 634 -0.16 0.08 25.19
N GLY A 635 -0.76 -0.38 26.29
CA GLY A 635 -1.19 -1.77 26.39
C GLY A 635 -2.45 -2.12 25.63
N LEU A 636 -3.17 -1.12 25.12
CA LEU A 636 -4.39 -1.34 24.34
C LEU A 636 -4.24 -0.57 23.04
N PRO A 637 -3.60 -1.16 22.02
CA PRO A 637 -3.35 -0.41 20.79
C PRO A 637 -4.61 -0.06 20.03
N GLU A 638 -5.54 -1.00 19.90
CA GLU A 638 -6.78 -0.71 19.18
C GLU A 638 -7.53 0.46 19.80
N CYS A 639 -7.47 0.61 21.12
CA CYS A 639 -8.12 1.74 21.77
C CYS A 639 -7.40 3.04 21.48
N GLN A 640 -6.07 3.00 21.39
CA GLN A 640 -5.31 4.19 21.02
C GLN A 640 -5.79 4.75 19.69
N VAL A 641 -6.15 3.87 18.76
CA VAL A 641 -6.52 4.31 17.41
C VAL A 641 -7.71 5.25 17.46
N ILE A 642 -8.83 4.78 18.02
CA ILE A 642 -10.03 5.59 18.05
C ILE A 642 -9.82 6.83 18.91
N ALA A 643 -8.97 6.75 19.94
CA ALA A 643 -8.65 7.94 20.72
C ALA A 643 -7.93 8.98 19.86
N ALA A 644 -7.07 8.52 18.96
CA ALA A 644 -6.35 9.43 18.08
C ALA A 644 -7.20 9.84 16.89
N GLU A 645 -7.77 8.86 16.18
CA GLU A 645 -8.69 9.17 15.09
C GLU A 645 -9.83 10.05 15.57
N GLY A 646 -10.33 9.79 16.78
CA GLY A 646 -11.43 10.59 17.30
C GLY A 646 -11.01 11.98 17.69
N LEU A 647 -9.90 12.10 18.43
CA LEU A 647 -9.40 13.41 18.83
C LEU A 647 -9.12 14.29 17.63
N CYS A 648 -8.71 13.71 16.51
CA CYS A 648 -8.52 14.50 15.29
C CYS A 648 -9.85 14.93 14.69
N LYS A 649 -10.89 14.11 14.84
CA LYS A 649 -12.21 14.49 14.33
C LYS A 649 -12.76 15.70 15.07
N LEU A 650 -12.53 15.77 16.39
CA LEU A 650 -13.07 16.86 17.19
C LEU A 650 -12.28 18.15 17.06
N PHE A 651 -10.99 18.07 16.70
CA PHE A 651 -10.24 19.28 16.40
C PHE A 651 -10.62 19.84 15.04
N LEU A 652 -10.82 18.96 14.06
CA LEU A 652 -11.22 19.41 12.73
C LEU A 652 -12.60 20.07 12.78
N ALA A 653 -13.50 19.54 13.60
CA ALA A 653 -14.83 20.11 13.77
C ALA A 653 -14.85 21.34 14.67
N ASP A 654 -13.70 21.71 15.25
CA ASP A 654 -13.58 22.92 16.05
C ASP A 654 -14.37 22.85 17.35
N VAL A 655 -14.63 21.64 17.86
CA VAL A 655 -15.19 21.52 19.20
C VAL A 655 -14.09 21.40 20.24
N PHE A 656 -12.96 20.78 19.89
CA PHE A 656 -11.76 20.78 20.72
C PHE A 656 -10.78 21.79 20.14
N THR A 657 -10.15 22.57 21.03
CA THR A 657 -9.22 23.60 20.59
C THR A 657 -8.05 23.81 21.52
N ASP A 658 -7.97 23.13 22.66
CA ASP A 658 -6.86 23.34 23.59
C ASP A 658 -5.54 22.99 22.92
N ASP A 659 -4.61 23.94 22.91
CA ASP A 659 -3.33 23.72 22.26
C ASP A 659 -2.54 22.61 22.96
N ASP A 660 -2.51 22.62 24.30
CA ASP A 660 -1.71 21.65 25.03
C ASP A 660 -2.13 20.23 24.70
N LEU A 661 -3.43 19.99 24.56
CA LEU A 661 -3.90 18.67 24.15
C LEU A 661 -3.45 18.37 22.72
N PHE A 662 -3.68 19.30 21.80
CA PHE A 662 -3.19 19.13 20.42
C PHE A 662 -1.71 18.81 20.41
N GLU A 663 -0.92 19.52 21.21
CA GLU A 663 0.50 19.23 21.29
C GLU A 663 0.73 17.79 21.74
N THR A 664 0.01 17.36 22.77
CA THR A 664 0.11 15.97 23.21
C THR A 664 -0.34 15.02 22.12
N LEU A 665 -1.23 15.47 21.25
CA LEU A 665 -1.72 14.63 20.16
C LEU A 665 -0.60 14.29 19.18
N VAL A 666 0.17 15.30 18.77
CA VAL A 666 1.22 15.10 17.78
C VAL A 666 2.38 14.34 18.37
N LEU A 667 2.71 14.59 19.64
CA LEU A 667 3.84 13.94 20.27
C LEU A 667 3.65 12.42 20.35
N SER A 668 2.40 11.97 20.47
CA SER A 668 2.14 10.54 20.47
C SER A 668 2.43 9.91 19.12
N TYR A 669 2.25 10.67 18.04
CA TYR A 669 2.58 10.16 16.71
C TYR A 669 4.08 9.87 16.60
N PHE A 670 4.91 10.83 16.99
CA PHE A 670 6.36 10.68 16.91
C PHE A 670 6.93 9.89 18.08
N SER A 671 6.15 9.57 19.09
CA SER A 671 6.68 8.94 20.28
C SER A 671 7.27 7.56 19.96
N PRO A 672 8.33 7.16 20.66
CA PRO A 672 8.93 5.84 20.35
C PRO A 672 8.02 4.67 20.67
N ILE A 673 7.17 4.79 21.70
CA ILE A 673 6.41 3.63 22.15
C ILE A 673 5.29 3.31 21.18
N ASN A 674 4.74 4.31 20.49
CA ASN A 674 3.65 4.11 19.56
C ASN A 674 4.11 3.74 18.16
N SER A 675 5.42 3.76 17.90
CA SER A 675 5.91 3.52 16.54
C SER A 675 5.65 2.10 16.06
N SER A 676 5.21 1.19 16.94
CA SER A 676 4.94 -0.19 16.55
C SER A 676 3.45 -0.44 16.32
N ASN A 677 2.63 0.60 16.37
CA ASN A 677 1.18 0.47 16.18
C ASN A 677 0.85 0.98 14.78
N GLU A 678 0.87 0.07 13.80
CA GLU A 678 0.72 0.47 12.41
C GLU A 678 -0.61 1.20 12.19
N ALA A 679 -1.68 0.72 12.81
CA ALA A 679 -2.97 1.38 12.66
C ALA A 679 -2.93 2.81 13.17
N LEU A 680 -2.21 3.04 14.28
CA LEU A 680 -2.10 4.39 14.82
C LEU A 680 -1.23 5.26 13.92
N VAL A 681 -0.13 4.71 13.42
CA VAL A 681 0.78 5.49 12.58
C VAL A 681 0.09 5.95 11.31
N GLN A 682 -0.64 5.03 10.66
CA GLN A 682 -1.36 5.40 9.44
C GLN A 682 -2.49 6.37 9.72
N ALA A 683 -3.12 6.25 10.88
CA ALA A 683 -4.19 7.19 11.25
C ALA A 683 -3.66 8.61 11.30
N PHE A 684 -2.62 8.84 12.12
CA PHE A 684 -2.03 10.17 12.21
C PHE A 684 -1.46 10.63 10.87
N ALA A 685 -0.86 9.71 10.11
CA ALA A 685 -0.22 10.10 8.86
C ALA A 685 -1.22 10.74 7.91
N PHE A 686 -2.50 10.41 8.04
CA PHE A 686 -3.54 11.00 7.21
C PHE A 686 -4.24 12.17 7.89
N CYS A 687 -4.48 12.09 9.21
CA CYS A 687 -5.32 13.06 9.88
C CYS A 687 -4.61 14.38 10.14
N ILE A 688 -3.37 14.34 10.62
CA ILE A 688 -2.65 15.59 10.88
C ILE A 688 -2.53 16.41 9.62
N PRO A 689 -2.18 15.85 8.45
CA PRO A 689 -2.19 16.67 7.23
C PRO A 689 -3.51 17.34 6.93
N VAL A 690 -4.64 16.62 7.03
CA VAL A 690 -5.91 17.23 6.65
C VAL A 690 -6.27 18.34 7.62
N TYR A 691 -5.91 18.21 8.90
CA TYR A 691 -6.19 19.28 9.85
C TYR A 691 -5.39 20.52 9.53
N CYS A 692 -4.10 20.36 9.20
CA CYS A 692 -3.25 21.51 8.93
C CYS A 692 -3.62 22.19 7.61
N PHE A 693 -4.00 21.39 6.61
CA PHE A 693 -4.31 21.93 5.29
C PHE A 693 -5.78 22.29 5.12
N SER A 694 -6.64 21.98 6.09
CA SER A 694 -8.07 22.22 5.93
C SER A 694 -8.39 23.70 5.98
N HIS A 695 -7.71 24.46 6.84
CA HIS A 695 -8.06 25.86 7.03
C HIS A 695 -6.87 26.58 7.65
N PRO A 696 -6.57 27.82 7.25
CA PRO A 696 -5.46 28.55 7.88
C PRO A 696 -5.52 28.56 9.40
N ALA A 697 -6.70 28.77 9.97
CA ALA A 697 -6.82 28.84 11.44
C ALA A 697 -6.33 27.56 12.11
N HIS A 698 -6.38 26.44 11.40
CA HIS A 698 -5.88 25.18 11.95
C HIS A 698 -4.38 25.04 11.75
N GLN A 699 -3.89 25.38 10.57
CA GLN A 699 -2.45 25.37 10.32
C GLN A 699 -1.72 26.23 11.35
N GLN A 700 -2.31 27.35 11.73
CA GLN A 700 -1.70 28.22 12.73
C GLN A 700 -1.45 27.47 14.02
N ARG A 701 -2.45 26.73 14.51
CA ARG A 701 -2.30 26.01 15.76
C ARG A 701 -1.09 25.07 15.73
N MET A 702 -0.74 24.56 14.56
CA MET A 702 0.48 23.77 14.44
C MET A 702 1.72 24.66 14.57
N SER A 703 1.74 25.78 13.85
CA SER A 703 2.88 26.68 13.89
C SER A 703 3.22 27.09 15.31
N ARG A 704 2.20 27.47 16.11
CA ARG A 704 2.45 27.91 17.46
C ARG A 704 3.03 26.79 18.31
N THR A 705 2.55 25.56 18.11
CA THR A 705 2.98 24.42 18.90
C THR A 705 4.09 23.61 18.26
N ALA A 706 4.34 23.77 16.96
CA ALA A 706 5.31 22.91 16.28
C ALA A 706 6.70 23.06 16.88
N ALA A 707 7.13 24.30 17.14
CA ALA A 707 8.46 24.53 17.67
C ALA A 707 8.67 23.78 18.98
N ASP A 708 7.72 23.90 19.90
CA ASP A 708 7.85 23.21 21.19
C ASP A 708 7.81 21.70 21.01
N ILE A 709 7.01 21.22 20.06
CA ILE A 709 6.96 19.78 19.77
C ILE A 709 8.35 19.29 19.37
N LEU A 710 8.99 20.00 18.44
CA LEU A 710 10.33 19.62 18.01
C LEU A 710 11.29 19.58 19.19
N LEU A 711 11.20 20.57 20.07
CA LEU A 711 12.08 20.61 21.25
C LEU A 711 11.88 19.37 22.10
N ARG A 712 10.63 19.06 22.46
CA ARG A 712 10.36 17.88 23.27
C ARG A 712 10.85 16.61 22.60
N LEU A 713 10.62 16.49 21.29
CA LEU A 713 11.05 15.28 20.58
C LEU A 713 12.56 15.22 20.44
N CYS A 714 13.23 16.37 20.43
CA CYS A 714 14.69 16.37 20.46
C CYS A 714 15.21 15.83 21.78
N VAL A 715 14.52 16.16 22.89
CA VAL A 715 14.92 15.64 24.19
C VAL A 715 14.67 14.14 24.28
N LEU A 716 13.55 13.68 23.73
CA LEU A 716 13.27 12.24 23.72
C LEU A 716 14.35 11.48 22.96
N TRP A 717 14.62 11.89 21.73
CA TRP A 717 15.61 11.19 20.91
C TRP A 717 16.97 11.20 21.57
N ASP A 718 17.45 12.38 21.95
CA ASP A 718 18.77 12.49 22.57
C ASP A 718 18.87 11.59 23.80
N ASP A 719 17.94 11.76 24.75
CA ASP A 719 17.94 10.93 25.95
C ASP A 719 17.90 9.45 25.61
N LEU A 720 17.29 9.10 24.46
CA LEU A 720 17.17 7.70 24.08
C LEU A 720 18.47 7.15 23.50
N GLN A 721 19.26 7.98 22.84
CA GLN A 721 20.53 7.50 22.29
C GLN A 721 21.54 7.23 23.39
N SER A 722 21.45 7.94 24.51
CA SER A 722 22.42 7.76 25.60
C SER A 722 22.04 6.58 26.48
N SER A 723 20.77 6.49 26.88
CA SER A 723 20.34 5.43 27.78
C SER A 723 20.64 4.06 27.17
N VAL A 724 21.14 3.16 28.01
CA VAL A 724 21.45 1.79 27.61
C VAL A 724 20.58 0.85 28.44
N ILE A 725 19.70 0.12 27.78
CA ILE A 725 18.78 -0.80 28.45
C ILE A 725 18.67 -2.05 27.58
N PRO A 726 18.79 -3.27 28.13
CA PRO A 726 18.80 -4.49 27.31
C PRO A 726 17.92 -4.44 26.07
N GLU A 727 16.71 -3.89 26.20
CA GLU A 727 15.82 -3.79 25.06
C GLU A 727 16.32 -2.78 24.02
N VAL A 728 17.11 -1.80 24.46
CA VAL A 728 17.73 -0.80 23.59
C VAL A 728 16.76 -0.37 22.49
N ASP A 729 17.17 -0.51 21.23
CA ASP A 729 16.41 -0.03 20.10
C ASP A 729 16.33 1.49 20.10
N ARG A 730 17.38 2.16 19.67
CA ARG A 730 17.39 3.60 19.48
C ARG A 730 16.79 4.03 18.15
N GLU A 731 16.34 3.08 17.33
CA GLU A 731 15.80 3.36 16.01
C GLU A 731 14.28 3.45 15.99
N ALA A 732 13.63 3.21 17.13
CA ALA A 732 12.17 3.27 17.18
C ALA A 732 11.61 4.68 17.01
N MET A 733 12.46 5.67 16.74
CA MET A 733 12.03 7.06 16.66
C MET A 733 12.65 7.72 15.44
N LEU A 734 11.86 8.55 14.75
CA LEU A 734 12.37 9.29 13.62
C LEU A 734 13.45 10.27 14.07
N LYS A 735 14.53 10.35 13.29
CA LYS A 735 15.60 11.27 13.63
C LYS A 735 15.08 12.71 13.63
N PRO A 736 15.59 13.56 14.53
CA PRO A 736 15.08 14.94 14.60
C PRO A 736 15.14 15.70 13.27
N ASN A 737 15.94 15.26 12.31
CA ASN A 737 15.96 15.93 11.02
C ASN A 737 14.72 15.62 10.19
N ILE A 738 14.20 14.39 10.29
CA ILE A 738 12.99 14.04 9.57
C ILE A 738 11.76 14.59 10.28
N ILE A 739 11.77 14.59 11.61
CA ILE A 739 10.71 15.24 12.37
C ILE A 739 10.60 16.71 11.96
N PHE A 740 11.71 17.43 12.08
CA PHE A 740 11.76 18.82 11.67
C PHE A 740 11.23 18.98 10.25
N GLN A 741 11.80 18.23 9.30
CA GLN A 741 11.30 18.25 7.93
C GLN A 741 9.79 18.09 7.88
N GLN A 742 9.27 17.05 8.55
CA GLN A 742 7.83 16.81 8.55
C GLN A 742 7.06 18.03 9.04
N LEU A 743 7.61 18.75 10.03
CA LEU A 743 6.89 19.88 10.60
C LEU A 743 6.82 21.06 9.63
N LEU A 744 7.83 21.22 8.77
CA LEU A 744 7.77 22.30 7.79
C LEU A 744 6.75 22.01 6.70
N PHE A 745 6.58 20.72 6.34
CA PHE A 745 5.58 20.37 5.35
C PHE A 745 4.19 20.70 5.83
N TRP A 746 3.89 20.42 7.10
CA TRP A 746 2.55 20.69 7.63
C TRP A 746 2.28 22.17 7.76
N THR A 747 3.32 22.98 7.94
CA THR A 747 3.16 24.42 8.12
C THR A 747 3.39 25.20 6.84
N ASP A 748 3.53 24.53 5.70
CA ASP A 748 3.75 25.22 4.44
C ASP A 748 2.43 25.73 3.90
N PRO A 749 2.23 27.04 3.79
CA PRO A 749 0.92 27.55 3.35
C PRO A 749 0.55 27.14 1.93
N ARG A 750 1.51 26.69 1.13
CA ARG A 750 1.21 26.27 -0.24
C ARG A 750 0.40 24.98 -0.30
N ASN A 751 0.28 24.26 0.81
CA ASN A 751 -0.47 23.01 0.84
C ASN A 751 -1.93 23.19 1.26
N LEU A 752 -2.35 24.41 1.57
CA LEU A 752 -3.74 24.63 1.92
C LEU A 752 -4.64 24.22 0.76
N VAL A 753 -5.80 23.64 1.09
CA VAL A 753 -6.73 23.18 0.07
C VAL A 753 -7.31 24.37 -0.69
N ASN A 754 -7.62 25.45 0.03
CA ASN A 754 -8.18 26.66 -0.56
C ASN A 754 -7.06 27.66 -0.80
N GLN A 755 -7.02 28.24 -2.00
CA GLN A 755 -6.03 29.24 -2.37
C GLN A 755 -6.74 30.53 -2.73
N THR A 756 -6.72 31.49 -1.81
CA THR A 756 -7.31 32.79 -2.05
C THR A 756 -6.50 33.61 -3.06
N GLY A 757 -5.23 33.28 -3.25
CA GLY A 757 -4.30 34.16 -3.91
C GLY A 757 -3.61 35.12 -2.97
N SER A 758 -4.27 35.45 -1.85
CA SER A 758 -3.65 36.18 -0.76
C SER A 758 -3.08 35.24 0.30
N THR A 759 -3.04 33.94 0.03
CA THR A 759 -2.39 33.00 0.92
C THR A 759 -0.88 32.99 0.75
N LYS A 760 -0.36 33.67 -0.27
CA LYS A 760 1.08 33.74 -0.46
C LYS A 760 1.73 34.68 0.55
N LYS A 761 1.03 35.73 0.95
CA LYS A 761 1.51 36.62 2.02
C LYS A 761 1.25 36.05 3.41
N ASP A 762 1.37 34.74 3.57
CA ASP A 762 1.07 34.07 4.84
C ASP A 762 2.37 33.81 5.58
N THR A 763 2.41 34.25 6.85
CA THR A 763 3.60 34.13 7.68
C THR A 763 3.57 32.91 8.58
N VAL A 764 2.61 31.99 8.37
CA VAL A 764 2.49 30.84 9.25
C VAL A 764 3.80 30.07 9.32
N GLN A 765 4.50 29.94 8.19
CA GLN A 765 5.74 29.20 8.17
C GLN A 765 6.90 30.03 8.73
N LEU A 766 6.87 31.35 8.53
CA LEU A 766 7.93 32.21 9.06
C LEU A 766 7.91 32.20 10.59
N THR A 767 6.74 32.42 11.19
CA THR A 767 6.64 32.44 12.65
C THR A 767 7.11 31.13 13.25
N PHE A 768 6.85 30.01 12.55
CA PHE A 768 7.29 28.72 13.05
C PHE A 768 8.81 28.64 13.09
N LEU A 769 9.46 29.01 11.99
CA LEU A 769 10.92 28.94 11.95
C LEU A 769 11.54 29.87 12.99
N ILE A 770 10.97 31.07 13.17
CA ILE A 770 11.44 31.96 14.23
C ILE A 770 11.36 31.26 15.58
N ASP A 771 10.21 30.66 15.87
CA ASP A 771 10.05 29.91 17.11
C ASP A 771 11.10 28.81 17.22
N VAL A 772 11.60 28.31 16.10
CA VAL A 772 12.61 27.26 16.13
C VAL A 772 14.00 27.86 16.34
N LEU A 773 14.26 29.04 15.78
CA LEU A 773 15.53 29.70 16.02
C LEU A 773 15.65 30.20 17.45
N LYS A 774 14.52 30.45 18.12
CA LYS A 774 14.58 30.84 19.53
C LYS A 774 14.82 29.64 20.42
N ILE A 775 14.10 28.54 20.20
CA ILE A 775 14.37 27.31 20.93
C ILE A 775 15.67 26.65 20.47
N TYR A 776 16.22 27.09 19.34
CA TYR A 776 17.51 26.58 18.90
C TYR A 776 18.58 26.74 19.98
N ALA A 777 18.50 27.82 20.76
CA ALA A 777 19.49 28.05 21.82
C ALA A 777 19.48 26.92 22.83
N GLN A 778 18.30 26.35 23.10
CA GLN A 778 18.16 25.39 24.19
C GLN A 778 18.70 24.00 23.87
N ILE A 779 19.10 23.74 22.63
CA ILE A 779 19.66 22.44 22.27
C ILE A 779 21.15 22.47 22.56
N GLU A 780 21.65 21.42 23.20
CA GLU A 780 23.05 21.32 23.58
C GLU A 780 23.87 20.45 22.63
N LYS A 781 23.34 19.32 22.21
CA LYS A 781 24.10 18.41 21.34
C LYS A 781 24.29 19.04 19.96
N LYS A 782 25.45 18.76 19.36
CA LYS A 782 25.81 19.38 18.10
C LYS A 782 25.10 18.72 16.92
N GLU A 783 25.04 17.39 16.91
CA GLU A 783 24.45 16.70 15.76
C GLU A 783 22.99 17.08 15.59
N ILE A 784 22.27 17.30 16.70
CA ILE A 784 20.89 17.76 16.61
C ILE A 784 20.84 19.17 16.03
N LYS A 785 21.59 20.10 16.63
CA LYS A 785 21.66 21.45 16.10
C LYS A 785 22.04 21.47 14.62
N LYS A 786 22.68 20.40 14.14
CA LYS A 786 22.97 20.27 12.72
C LYS A 786 21.76 19.76 11.95
N MET A 787 21.01 18.84 12.56
CA MET A 787 19.82 18.29 11.91
C MET A 787 18.79 19.37 11.63
N ILE A 788 18.73 20.39 12.47
CA ILE A 788 17.76 21.47 12.27
C ILE A 788 18.26 22.45 11.21
N ILE A 789 19.50 22.91 11.37
CA ILE A 789 19.99 24.02 10.54
C ILE A 789 20.25 23.60 9.10
N THR A 790 20.41 22.31 8.82
CA THR A 790 20.68 21.88 7.45
C THR A 790 19.42 21.73 6.61
N ASN A 791 18.23 21.80 7.22
CA ASN A 791 16.98 21.65 6.51
C ASN A 791 16.17 22.93 6.43
N ILE A 792 16.63 24.01 7.07
CA ILE A 792 15.86 25.24 7.15
C ILE A 792 15.55 25.83 5.78
N ASN A 793 16.32 25.47 4.76
CA ASN A 793 16.16 26.10 3.45
C ASN A 793 14.96 25.56 2.67
N ALA A 794 14.26 24.56 3.20
CA ALA A 794 13.02 24.12 2.58
C ALA A 794 11.88 25.12 2.77
N ILE A 795 12.06 26.12 3.65
CA ILE A 795 11.02 27.11 3.87
C ILE A 795 10.69 27.83 2.56
N PHE A 796 9.50 28.42 2.53
CA PHE A 796 9.00 29.11 1.34
C PHE A 796 9.10 30.61 1.55
N LEU A 797 9.82 31.29 0.66
CA LEU A 797 10.06 32.72 0.74
C LEU A 797 9.40 33.42 -0.44
N SER A 798 8.69 34.50 -0.15
CA SER A 798 7.99 35.26 -1.18
C SER A 798 8.00 36.74 -0.81
N SER A 799 8.02 37.59 -1.84
CA SER A 799 8.06 39.03 -1.60
C SER A 799 6.81 39.53 -0.90
N GLU A 800 5.66 38.87 -1.14
CA GLU A 800 4.42 39.33 -0.53
C GLU A 800 4.42 39.16 0.99
N GLN A 801 5.22 38.22 1.51
CA GLN A 801 5.26 38.00 2.94
C GLN A 801 5.59 39.28 3.68
N ASP A 802 5.11 39.39 4.91
CA ASP A 802 5.23 40.63 5.68
C ASP A 802 6.70 41.00 5.86
N TYR A 803 7.01 42.27 5.61
CA TYR A 803 8.38 42.75 5.76
C TYR A 803 8.88 42.58 7.19
N SER A 804 8.08 43.02 8.16
CA SER A 804 8.55 43.02 9.55
C SER A 804 8.92 41.61 10.02
N THR A 805 8.12 40.61 9.65
CA THR A 805 8.38 39.25 10.10
C THR A 805 9.54 38.62 9.35
N LEU A 806 9.77 39.02 8.09
CA LEU A 806 10.97 38.60 7.39
C LEU A 806 12.21 39.22 8.03
N LYS A 807 12.15 40.51 8.37
CA LYS A 807 13.24 41.15 9.08
C LYS A 807 13.59 40.40 10.35
N GLU A 808 12.58 40.14 11.19
CA GLU A 808 12.82 39.43 12.45
C GLU A 808 13.50 38.08 12.20
N LEU A 809 13.01 37.33 11.21
CA LEU A 809 13.62 36.04 10.89
C LEU A 809 15.09 36.22 10.49
N LEU A 810 15.42 37.33 9.84
CA LEU A 810 16.82 37.58 9.48
C LEU A 810 17.65 37.89 10.70
N GLU A 811 17.12 38.71 11.61
CA GLU A 811 17.86 39.06 12.82
C GLU A 811 18.32 37.83 13.57
N TYR A 812 17.42 36.85 13.75
CA TYR A 812 17.79 35.63 14.47
C TYR A 812 18.74 34.76 13.67
N SER A 813 18.64 34.80 12.34
CA SER A 813 19.59 34.06 11.51
C SER A 813 20.99 34.62 11.67
N ASP A 814 21.13 35.95 11.62
CA ASP A 814 22.43 36.57 11.82
C ASP A 814 22.98 36.26 13.22
N ASP A 815 22.14 36.44 14.24
CA ASP A 815 22.59 36.20 15.61
C ASP A 815 23.20 34.81 15.77
N ILE A 816 22.58 33.81 15.14
CA ILE A 816 23.11 32.46 15.21
C ILE A 816 24.39 32.34 14.38
N ALA A 817 24.43 33.02 13.24
CA ALA A 817 25.54 32.84 12.31
C ALA A 817 26.84 33.42 12.86
N GLU A 818 26.76 34.56 13.55
CA GLU A 818 27.95 35.33 13.91
C GLU A 818 28.44 35.06 15.32
N ASN A 819 27.72 34.30 16.13
CA ASN A 819 28.09 34.10 17.53
C ASN A 819 28.50 32.66 17.78
N ASP A 820 27.53 31.78 18.01
CA ASP A 820 27.83 30.36 18.17
C ASP A 820 28.13 29.81 16.78
N ASN A 821 29.40 29.49 16.52
CA ASN A 821 29.81 29.09 15.19
C ASN A 821 29.56 27.61 14.96
N LEU A 822 29.18 27.28 13.73
CA LEU A 822 28.64 25.98 13.38
C LEU A 822 29.67 25.17 12.60
N ASP A 823 29.26 23.98 12.19
CA ASP A 823 29.99 23.25 11.17
C ASP A 823 30.04 24.08 9.90
N ASN A 824 30.80 23.60 8.91
CA ASN A 824 30.89 24.33 7.66
C ASN A 824 29.69 24.07 6.77
N VAL A 825 29.21 22.82 6.74
CA VAL A 825 28.02 22.51 5.95
C VAL A 825 26.80 23.20 6.53
N SER A 826 26.70 23.26 7.85
CA SER A 826 25.61 24.01 8.48
C SER A 826 25.73 25.49 8.19
N LYS A 827 26.95 26.02 8.28
CA LYS A 827 27.18 27.44 7.98
C LYS A 827 26.68 27.79 6.58
N ASN A 828 27.07 27.00 5.59
CA ASN A 828 26.63 27.27 4.22
C ASN A 828 25.12 27.27 4.11
N ALA A 829 24.46 26.31 4.76
CA ALA A 829 23.00 26.26 4.74
C ALA A 829 22.41 27.54 5.32
N LEU A 830 22.91 27.96 6.48
CA LEU A 830 22.37 29.17 7.11
C LEU A 830 22.70 30.42 6.30
N ASP A 831 23.90 30.47 5.71
CA ASP A 831 24.23 31.59 4.84
C ASP A 831 23.38 31.61 3.59
N LYS A 832 22.96 30.44 3.10
CA LYS A 832 22.05 30.39 1.96
C LYS A 832 20.72 31.04 2.31
N LEU A 833 20.21 30.78 3.50
CA LEU A 833 18.94 31.38 3.92
C LEU A 833 19.08 32.90 4.02
N ARG A 834 20.08 33.38 4.74
CA ARG A 834 20.29 34.82 4.88
C ARG A 834 20.41 35.50 3.52
N ASN A 835 21.14 34.89 2.59
CA ASN A 835 21.27 35.45 1.25
C ASN A 835 19.90 35.67 0.62
N ASN A 836 19.06 34.64 0.62
CA ASN A 836 17.71 34.79 0.08
C ASN A 836 16.95 35.88 0.84
N LEU A 837 16.90 35.79 2.16
CA LEU A 837 16.31 36.87 2.96
C LEU A 837 16.84 38.21 2.49
N ASN A 838 18.17 38.34 2.40
CA ASN A 838 18.78 39.61 2.01
C ASN A 838 18.33 40.04 0.62
N SER A 839 17.96 39.10 -0.24
CA SER A 839 17.47 39.44 -1.57
C SER A 839 15.98 39.77 -1.56
N LEU A 840 15.16 38.87 -1.01
CA LEU A 840 13.72 39.13 -0.94
C LEU A 840 13.45 40.40 -0.13
N ILE A 841 14.16 40.58 0.98
CA ILE A 841 14.02 41.82 1.74
C ILE A 841 14.39 43.01 0.87
N GLU A 842 15.37 42.84 -0.01
CA GLU A 842 15.93 43.95 -0.76
C GLU A 842 14.95 44.53 -1.77
N GLU A 843 13.89 43.80 -2.11
CA GLU A 843 12.87 44.35 -3.00
C GLU A 843 12.05 45.40 -2.25
N ILE A 844 12.71 46.49 -1.86
CA ILE A 844 12.06 47.59 -1.15
C ILE A 844 11.77 48.66 -2.19
N ASN A 845 10.57 48.66 -2.74
CA ASN A 845 10.15 49.65 -3.72
C ASN A 845 8.63 49.64 -3.87
N SER B 7 -20.98 19.34 2.80
CA SER B 7 -20.76 20.65 2.20
C SER B 7 -19.57 20.63 1.25
N ILE B 8 -19.30 21.79 0.64
CA ILE B 8 -18.09 21.93 -0.16
C ILE B 8 -16.86 21.56 0.67
N PHE B 9 -16.89 21.90 1.97
CA PHE B 9 -15.75 21.59 2.83
C PHE B 9 -15.38 20.12 2.70
N GLU B 10 -16.36 19.23 2.81
CA GLU B 10 -16.11 17.81 2.59
C GLU B 10 -15.58 17.58 1.17
N LYS B 11 -16.34 18.01 0.17
CA LYS B 11 -15.92 17.82 -1.22
C LYS B 11 -14.57 18.49 -1.47
N ASP B 12 -14.49 19.79 -1.21
CA ASP B 12 -13.22 20.51 -1.33
C ASP B 12 -12.09 19.75 -0.66
N LEU B 13 -12.33 19.23 0.55
CA LEU B 13 -11.35 18.38 1.21
C LEU B 13 -11.25 17.01 0.56
N MET B 14 -12.35 16.50 0.02
CA MET B 14 -12.36 15.15 -0.53
C MET B 14 -11.55 15.06 -1.81
N ALA B 15 -11.80 15.98 -2.75
CA ALA B 15 -11.10 15.95 -4.03
C ALA B 15 -9.60 16.14 -3.85
N TYR B 16 -9.22 17.13 -3.04
CA TYR B 16 -7.79 17.46 -2.89
C TYR B 16 -7.01 16.30 -2.31
N PHE B 17 -7.51 15.72 -1.22
CA PHE B 17 -6.67 14.85 -0.38
C PHE B 17 -6.61 13.41 -0.88
N ASP B 18 -7.76 12.74 -0.97
CA ASP B 18 -7.75 11.34 -1.41
C ASP B 18 -6.97 11.18 -2.72
N GLU B 19 -7.13 12.13 -3.64
CA GLU B 19 -6.49 12.04 -4.95
C GLU B 19 -5.02 12.41 -4.81
N ASN B 20 -4.17 11.39 -4.68
CA ASN B 20 -2.72 11.54 -4.80
C ASN B 20 -2.12 12.41 -3.70
N LEU B 21 -2.60 12.23 -2.48
CA LEU B 21 -1.82 12.47 -1.28
C LEU B 21 -1.55 11.17 -0.53
N ASN B 22 -1.68 10.05 -1.24
CA ASN B 22 -1.42 8.75 -0.66
C ASN B 22 0.05 8.54 -0.34
N ARG B 23 0.95 9.26 -1.01
CA ARG B 23 2.37 8.98 -0.92
C ARG B 23 2.83 8.83 0.54
N ASN B 24 2.27 9.64 1.43
CA ASN B 24 2.62 9.61 2.84
C ASN B 24 1.69 8.73 3.66
N TRP B 25 0.99 7.80 3.02
CA TRP B 25 -0.03 7.01 3.73
C TRP B 25 0.57 6.13 4.82
N ARG B 26 1.90 5.94 4.83
CA ARG B 26 2.55 5.13 5.84
C ARG B 26 3.13 5.94 6.99
N GLY B 27 3.14 7.26 6.89
CA GLY B 27 3.80 8.05 7.89
C GLY B 27 5.28 7.72 7.91
N ARG B 28 5.90 7.87 9.07
CA ARG B 28 7.32 7.56 9.24
C ARG B 28 8.15 8.33 8.21
N GLU B 29 9.39 7.91 7.96
CA GLU B 29 10.20 8.57 6.96
C GLU B 29 9.54 8.50 5.58
N HIS B 30 8.77 7.44 5.32
CA HIS B 30 8.14 7.26 4.03
C HIS B 30 7.18 8.39 3.73
N TRP B 31 7.71 9.54 3.34
CA TRP B 31 6.90 10.65 2.87
C TRP B 31 7.75 11.48 1.93
N LYS B 32 7.32 11.57 0.67
CA LYS B 32 8.13 12.17 -0.39
C LYS B 32 7.75 13.63 -0.63
N VAL B 33 6.49 13.87 -1.01
CA VAL B 33 5.96 15.20 -1.24
C VAL B 33 6.89 16.02 -2.11
N ARG B 34 7.77 15.35 -2.86
CA ARG B 34 8.75 16.05 -3.67
C ARG B 34 8.06 16.70 -4.86
N ASN B 35 8.22 18.01 -4.99
CA ASN B 35 7.56 18.76 -6.06
C ASN B 35 8.48 18.91 -7.27
N LYS B 79 30.73 11.41 -28.33
CA LYS B 79 30.82 11.70 -26.90
C LYS B 79 31.99 10.95 -26.29
N LYS B 80 31.97 10.81 -24.96
CA LYS B 80 32.99 10.08 -24.22
C LYS B 80 33.35 8.76 -24.90
N VAL B 81 34.54 8.24 -24.59
CA VAL B 81 34.96 6.90 -24.97
C VAL B 81 34.64 6.60 -26.43
N LEU B 82 34.97 7.53 -27.32
CA LEU B 82 34.53 7.42 -28.70
C LEU B 82 34.87 6.07 -29.31
N GLU B 83 36.11 5.61 -29.15
CA GLU B 83 36.53 4.37 -29.78
C GLU B 83 37.74 3.81 -29.06
N ILE B 84 38.08 2.56 -29.39
CA ILE B 84 39.22 1.86 -28.85
C ILE B 84 40.09 1.39 -30.01
N ASP B 85 41.40 1.32 -29.77
CA ASP B 85 42.36 0.78 -30.73
C ASP B 85 42.84 -0.56 -30.19
N PHE B 86 42.32 -1.65 -30.76
CA PHE B 86 42.68 -2.99 -30.28
C PHE B 86 44.09 -3.39 -30.71
N PHE B 87 44.69 -2.68 -31.66
CA PHE B 87 46.02 -3.04 -32.12
C PHE B 87 47.11 -2.48 -31.20
N LYS B 88 46.94 -1.23 -30.76
CA LYS B 88 47.95 -0.60 -29.91
C LYS B 88 48.24 -1.47 -28.69
N THR B 89 49.52 -1.60 -28.38
CA THR B 89 49.94 -2.50 -27.31
C THR B 89 49.55 -1.94 -25.95
N ASP B 90 49.59 -2.82 -24.95
CA ASP B 90 49.31 -2.46 -23.56
C ASP B 90 50.44 -2.86 -22.61
N ASP B 91 51.50 -3.51 -23.11
CA ASP B 91 52.70 -3.84 -22.37
C ASP B 91 52.49 -4.16 -20.89
N SER B 92 51.67 -5.16 -20.60
CA SER B 92 51.64 -5.89 -19.33
C SER B 92 51.14 -5.08 -18.14
N PHE B 93 50.85 -3.78 -18.29
CA PHE B 93 50.35 -3.00 -17.18
C PHE B 93 48.92 -2.50 -17.37
N GLU B 94 48.32 -2.70 -18.55
CA GLU B 94 46.88 -2.54 -18.67
C GLU B 94 46.16 -3.74 -18.09
N ASP B 95 46.63 -4.95 -18.44
CA ASP B 95 46.05 -6.17 -17.90
C ASP B 95 46.05 -6.20 -16.38
N LYS B 96 46.67 -5.23 -15.71
CA LYS B 96 46.50 -5.09 -14.26
C LYS B 96 45.06 -4.71 -13.88
N VAL B 97 44.13 -4.73 -14.84
CA VAL B 97 42.70 -4.71 -14.51
C VAL B 97 42.41 -5.75 -13.44
N PHE B 98 43.12 -6.89 -13.49
CA PHE B 98 42.92 -7.99 -12.56
C PHE B 98 43.63 -7.78 -11.22
N ALA B 99 43.80 -6.54 -10.78
CA ALA B 99 44.37 -6.28 -9.47
C ALA B 99 43.45 -6.84 -8.38
N SER B 100 44.02 -7.08 -7.21
CA SER B 100 43.24 -7.56 -6.08
C SER B 100 42.52 -6.38 -5.42
N LYS B 101 41.42 -6.70 -4.72
CA LYS B 101 40.60 -5.66 -4.10
C LYS B 101 41.44 -4.73 -3.24
N GLY B 102 42.46 -5.26 -2.57
CA GLY B 102 43.22 -4.48 -1.62
C GLY B 102 42.38 -4.17 -0.40
N ARG B 103 42.19 -2.88 -0.11
CA ARG B 103 41.33 -2.45 0.97
C ARG B 103 40.04 -1.80 0.49
N THR B 104 39.81 -1.79 -0.82
CA THR B 104 38.47 -1.48 -1.33
C THR B 104 37.50 -2.55 -0.86
N LYS B 105 36.22 -2.16 -0.73
CA LYS B 105 35.25 -2.99 -0.04
C LYS B 105 34.53 -3.96 -0.98
N ILE B 106 33.83 -3.44 -1.98
CA ILE B 106 33.20 -4.21 -3.05
C ILE B 106 32.16 -5.21 -2.53
N ASP B 107 31.88 -5.20 -1.23
CA ASP B 107 30.89 -6.10 -0.65
C ASP B 107 29.92 -5.32 0.22
N MET B 108 28.73 -5.87 0.36
CA MET B 108 27.74 -5.29 1.24
C MET B 108 28.19 -5.39 2.69
N PRO B 109 27.89 -4.41 3.52
CA PRO B 109 27.98 -4.63 4.96
C PRO B 109 27.00 -5.73 5.36
N ILE B 110 27.46 -6.68 6.16
CA ILE B 110 26.63 -7.81 6.55
C ILE B 110 25.33 -7.36 7.21
N LYS B 111 25.24 -6.09 7.61
CA LYS B 111 23.98 -5.56 8.13
C LYS B 111 22.87 -5.65 7.11
N ASN B 112 23.10 -5.15 5.89
CA ASN B 112 22.05 -4.96 4.91
C ASN B 112 21.72 -6.23 4.13
N ARG B 113 22.45 -7.32 4.33
CA ARG B 113 22.19 -8.54 3.56
C ARG B 113 20.84 -9.15 3.88
N LYS B 114 20.28 -8.86 5.06
CA LYS B 114 19.00 -9.42 5.47
C LYS B 114 18.17 -8.34 6.16
N ASN B 115 16.86 -8.38 5.92
CA ASN B 115 15.93 -7.42 6.51
C ASN B 115 14.63 -8.15 6.84
N ASP B 116 14.25 -8.12 8.11
CA ASP B 116 13.04 -8.82 8.54
C ASP B 116 11.79 -8.31 7.82
N THR B 117 11.75 -7.03 7.47
CA THR B 117 10.59 -6.48 6.78
C THR B 117 10.40 -7.12 5.41
N HIS B 118 11.46 -7.67 4.83
CA HIS B 118 11.46 -8.23 3.48
C HIS B 118 11.07 -7.21 2.42
N TYR B 119 11.05 -5.93 2.77
CA TYR B 119 10.74 -4.87 1.82
C TYR B 119 9.33 -5.02 1.26
N LEU B 120 8.38 -5.30 2.15
CA LEU B 120 6.97 -5.36 1.82
C LEU B 120 6.23 -4.16 2.41
N LEU B 121 5.04 -3.91 1.89
CA LEU B 121 4.18 -2.90 2.46
C LEU B 121 3.60 -3.41 3.78
N PRO B 122 3.30 -2.50 4.71
CA PRO B 122 2.47 -2.88 5.85
C PRO B 122 1.02 -3.04 5.42
N ASP B 123 0.21 -3.58 6.31
CA ASP B 123 -1.23 -3.67 6.05
C ASP B 123 -1.78 -2.28 5.80
N ASP B 124 -2.71 -2.18 4.84
CA ASP B 124 -3.31 -0.92 4.46
C ASP B 124 -4.67 -0.80 5.15
N PHE B 125 -4.79 0.19 6.03
CA PHE B 125 -6.04 0.45 6.73
C PHE B 125 -6.89 1.51 6.03
N HIS B 126 -6.39 2.05 4.92
CA HIS B 126 -7.18 2.87 4.01
C HIS B 126 -7.95 3.96 4.76
N PHE B 127 -7.21 4.77 5.51
CA PHE B 127 -7.79 5.97 6.10
C PHE B 127 -8.07 6.98 4.98
N SER B 128 -9.33 7.34 4.83
CA SER B 128 -9.78 8.20 3.75
C SER B 128 -10.60 9.34 4.32
N THR B 129 -10.62 10.45 3.57
CA THR B 129 -11.48 11.57 3.92
C THR B 129 -12.90 11.09 4.19
N ASP B 130 -13.40 10.16 3.39
CA ASP B 130 -14.74 9.62 3.62
C ASP B 130 -14.87 9.02 5.01
N ARG B 131 -13.78 8.47 5.55
CA ARG B 131 -13.79 7.83 6.86
C ARG B 131 -13.78 8.81 8.02
N ILE B 132 -13.29 10.03 7.80
CA ILE B 132 -13.18 11.01 8.88
C ILE B 132 -14.40 11.91 8.98
N THR B 133 -15.11 12.12 7.87
CA THR B 133 -16.28 13.00 7.88
C THR B 133 -17.51 12.34 8.48
N ARG B 134 -17.58 11.01 8.47
CA ARG B 134 -18.76 10.29 8.92
C ARG B 134 -18.58 9.82 10.36
N LEU B 135 -19.71 9.60 11.03
CA LEU B 135 -19.70 9.20 12.43
C LEU B 135 -19.12 7.79 12.58
N PHE B 136 -18.92 7.40 13.84
CA PHE B 136 -18.42 6.07 14.15
C PHE B 136 -19.56 5.05 14.15
N ILE B 137 -20.57 5.28 14.98
CA ILE B 137 -21.65 4.31 15.15
C ILE B 137 -22.80 4.54 14.19
N LYS B 138 -22.75 5.59 13.38
CA LYS B 138 -23.80 5.91 12.41
C LYS B 138 -23.14 6.36 11.12
N PRO B 139 -22.48 5.45 10.41
CA PRO B 139 -21.71 5.85 9.22
C PRO B 139 -22.53 6.62 8.19
N GLY B 140 -23.82 6.31 8.05
CA GLY B 140 -24.65 7.05 7.11
C GLY B 140 -24.61 8.55 7.37
N GLN B 141 -24.79 8.93 8.62
CA GLN B 141 -24.76 10.34 9.00
C GLN B 141 -23.32 10.79 9.24
N LYS B 142 -23.11 12.10 9.12
CA LYS B 142 -21.81 12.70 9.31
C LYS B 142 -21.93 13.95 10.16
N MET B 143 -20.83 14.32 10.81
CA MET B 143 -20.80 15.50 11.66
C MET B 143 -21.01 16.75 10.82
N SER B 144 -21.08 17.90 11.49
CA SER B 144 -21.26 19.17 10.80
C SER B 144 -20.22 19.35 9.71
N LEU B 145 -20.56 19.03 8.48
CA LEU B 145 -19.62 19.09 7.36
C LEU B 145 -20.37 19.23 6.03
OH2 1PE E . 50.68 -6.92 -30.57
C12 1PE E . 50.55 -8.25 -30.95
C22 1PE E . 51.80 -9.03 -30.53
OH3 1PE E . 51.71 -10.34 -31.00
C13 1PE E . 53.66 -11.24 -29.94
C23 1PE E . 52.93 -10.97 -31.25
OH4 1PE E . 53.97 -12.60 -29.86
C14 1PE E . 53.00 -13.13 -27.74
C24 1PE E . 54.27 -13.07 -28.59
OH5 1PE E . 52.89 -14.40 -27.17
C15 1PE E . 51.79 -16.50 -27.27
C25 1PE E . 51.62 -15.00 -27.24
OH6 1PE E . 50.54 -17.12 -27.42
C16 1PE E . 50.77 -18.88 -25.82
C26 1PE E . 50.56 -18.51 -27.29
OH7 1PE E . 49.77 -19.79 -25.43
HO2 1PE E . 50.55 -6.85 -29.73
H121 1PE E . 49.77 -8.64 -30.53
H122 1PE E . 50.45 -8.31 -31.91
H221 1PE E . 52.59 -8.60 -30.92
H222 1PE E . 51.88 -9.03 -29.57
H131 1PE E . 54.48 -10.72 -29.92
H132 1PE E . 53.09 -10.99 -29.20
H231 1PE E . 52.78 -11.80 -31.71
H232 1PE E . 53.48 -10.39 -31.81
H141 1PE E . 53.04 -12.47 -27.04
H142 1PE E . 52.23 -12.95 -28.31
H241 1PE E . 54.66 -13.96 -28.65
H242 1PE E . 54.91 -12.47 -28.16
H151 1PE E . 52.36 -16.74 -28.02
H152 1PE E . 52.19 -16.80 -26.45
H251 1PE E . 51.09 -14.74 -26.47
H252 1PE E . 51.16 -14.70 -28.05
H161 1PE E . 51.64 -19.30 -25.71
H162 1PE E . 50.72 -18.08 -25.28
H261 1PE E . 49.71 -18.88 -27.60
H262 1PE E . 51.28 -18.88 -27.82
HO7 1PE E . 49.45 -19.53 -24.67
S SO4 F . 20.16 -23.73 -26.50
O1 SO4 F . 19.48 -23.37 -27.73
O2 SO4 F . 21.49 -23.12 -26.50
O3 SO4 F . 20.30 -25.18 -26.42
O4 SO4 F . 19.40 -23.26 -25.36
#